data_4BSV
#
_entry.id   4BSV
#
_cell.length_a   49.540
_cell.length_b   74.920
_cell.length_c   148.920
_cell.angle_alpha   90.00
_cell.angle_beta   90.00
_cell.angle_gamma   90.00
#
_symmetry.space_group_name_H-M   'P 21 21 21'
#
loop_
_entity.id
_entity.type
_entity.pdbx_description
1 polymer 'HETERODIMERIC FC ANTIBODY AZYMETRIC VARIANT 2'
2 polymer 'HETERODIMERIC FC ANTIBODY AZYMETRIC VARIANT 2'
3 branched alpha-L-fucopyranose-(1-6)-2-acetamido-2-deoxy-beta-D-glucopyranose
4 branched beta-D-galactopyranose-(1-4)-2-acetamido-2-deoxy-beta-D-glucopyranose-(1-2)-alpha-D-mannopyranose-(1-6)-beta-D-mannopyranose-(1-4)-2-acetamido-2-deoxy-beta-D-glucopyranose
5 branched 2-acetamido-2-deoxy-beta-D-glucopyranose-(1-2)-alpha-D-mannopyranose
6 branched beta-D-galactopyranose-(1-4)-2-acetamido-2-deoxy-beta-D-glucopyranose-(1-2)-alpha-D-mannopyranose-(1-6)-[2-acetamido-2-deoxy-beta-D-glucopyranose-(1-2)-alpha-D-mannopyranose-(1-3)]beta-D-mannopyranose-(1-4)-2-acetamido-2-deoxy-beta-D-glucopyranose-(1-4)-[alpha-L-fucopyranose-(1-6)]2-acetamido-2-deoxy-beta-D-glucopyranose
7 non-polymer 1,2-ETHANEDIOL
8 non-polymer 'IODIDE ION'
9 water water
#
loop_
_entity_poly.entity_id
_entity_poly.type
_entity_poly.pdbx_seq_one_letter_code
_entity_poly.pdbx_strand_id
1 'polypeptide(L)'
;GTHTCPPCPAPELLGGPSVFLFPPKPKDTLMISRTPEVTCVVVDVSHEDPEVKFNWYVDGVEVHNAKTKPREEQYNSTYR
VVSVLTVLHQDWLNGKEYKCKVSNKALPAPIEKTISKAKGQPREPQVYVYPPSRDELTKNQVSLTCLVKGFYPSDIAVEW
ESNGQPENNYKTTPPVLDSDGSFALVSKLTVDKSRWQQGNVFSCSVMHEALHNHYTQKSLSLSPGK
;
A
2 'polypeptide(L)'
;GTHTCPPCPAPELLGGPSVFLFPPKPKDTLMISRTPEVTCVVVDVSHEDPEVKFNWYVDGVEVHNAKTKPREEQYNSTYR
VVSVLTVLHQDWLNGKEYKCKVSNKALPAPIEKTISKAKGQPREPQVYVLPPSRDELTKNQVSLLCLVKGFYPSDIAVEW
ESNGQPENNYMTWPPVLDSDGSFFLYSKLTVDKSRWQQGNVFSCSVMHEALHNHYTQKSLSLSPGK
;
B
#
loop_
_chem_comp.id
_chem_comp.type
_chem_comp.name
_chem_comp.formula
BMA D-saccharide, beta linking beta-D-mannopyranose 'C6 H12 O6'
EDO non-polymer 1,2-ETHANEDIOL 'C2 H6 O2'
FUC L-saccharide, alpha linking alpha-L-fucopyranose 'C6 H12 O5'
GAL D-saccharide, beta linking beta-D-galactopyranose 'C6 H12 O6'
IOD non-polymer 'IODIDE ION' 'I -1'
MAN D-saccharide, alpha linking alpha-D-mannopyranose 'C6 H12 O6'
NAG D-saccharide, beta linking 2-acetamido-2-deoxy-beta-D-glucopyranose 'C8 H15 N O6'
#
# COMPACT_ATOMS: atom_id res chain seq x y z
N GLY A 15 21.42 21.56 9.11
N GLY A 15 21.94 22.06 10.67
CA GLY A 15 21.88 21.94 7.73
CA GLY A 15 22.03 22.54 9.27
C GLY A 15 23.14 21.19 7.30
C GLY A 15 23.23 21.95 8.54
N GLY A 16 23.67 21.55 6.14
N GLY A 16 22.96 21.14 7.51
CA GLY A 16 24.78 20.83 5.55
CA GLY A 16 24.02 20.51 6.73
C GLY A 16 24.21 19.69 4.72
C GLY A 16 23.47 19.47 5.76
N PRO A 17 25.07 18.81 4.21
N PRO A 17 24.36 18.75 5.07
CA PRO A 17 24.68 17.79 3.25
CA PRO A 17 23.93 17.71 4.15
C PRO A 17 23.95 16.69 3.98
C PRO A 17 23.31 16.54 4.87
N SER A 18 23.11 15.96 3.24
N SER A 18 22.63 15.69 4.10
CA SER A 18 22.34 14.86 3.80
CA SER A 18 21.98 14.51 4.64
C SER A 18 22.70 13.58 3.05
C SER A 18 22.27 13.32 3.74
N VAL A 19 22.46 12.44 3.68
N VAL A 19 22.31 12.13 4.34
CA VAL A 19 22.82 11.18 3.06
CA VAL A 19 22.73 10.92 3.64
C VAL A 19 21.70 10.15 3.21
C VAL A 19 21.55 9.96 3.58
N PHE A 20 21.43 9.45 2.12
N PHE A 20 21.37 9.33 2.44
CA PHE A 20 20.43 8.40 2.14
CA PHE A 20 20.36 8.30 2.33
C PHE A 20 21.08 7.09 1.66
C PHE A 20 20.96 7.11 1.61
N LEU A 21 20.69 5.98 2.28
N LEU A 21 20.87 5.95 2.28
CA LEU A 21 21.36 4.70 2.02
CA LEU A 21 21.52 4.72 1.83
C LEU A 21 20.34 3.66 1.56
C LEU A 21 20.45 3.69 1.48
N PHE A 22 20.55 3.12 0.36
N PHE A 22 20.56 3.13 0.28
CA PHE A 22 19.55 2.27 -0.27
CA PHE A 22 19.52 2.24 -0.23
C PHE A 22 20.06 0.87 -0.53
C PHE A 22 20.06 0.87 -0.55
N PRO A 23 19.19 -0.13 -0.31
N PRO A 23 19.20 -0.16 -0.41
CA PRO A 23 19.52 -1.54 -0.48
CA PRO A 23 19.56 -1.57 -0.55
C PRO A 23 19.49 -1.92 -1.96
C PRO A 23 19.56 -2.00 -2.04
N PRO A 24 20.06 -3.09 -2.29
N PRO A 24 20.04 -3.21 -2.33
CA PRO A 24 19.97 -3.63 -3.64
CA PRO A 24 19.90 -3.82 -3.65
C PRO A 24 18.53 -3.96 -3.95
C PRO A 24 18.45 -4.16 -3.93
N LYS A 25 18.21 -4.21 -5.21
N LYS A 25 18.07 -4.22 -5.20
CA LYS A 25 16.91 -4.73 -5.57
CA LYS A 25 16.76 -4.72 -5.56
C LYS A 25 16.82 -6.20 -5.25
C LYS A 25 16.67 -6.21 -5.22
N PRO A 26 15.68 -6.64 -4.77
N PRO A 26 15.49 -6.68 -4.79
CA PRO A 26 15.64 -8.03 -4.35
CA PRO A 26 15.44 -8.07 -4.37
C PRO A 26 15.96 -9.04 -5.50
C PRO A 26 15.90 -9.03 -5.49
N LYS A 27 15.50 -8.79 -6.72
N LYS A 27 15.42 -8.80 -6.72
CA LYS A 27 15.86 -9.67 -7.83
CA LYS A 27 15.79 -9.67 -7.84
C LYS A 27 17.38 -9.74 -8.01
C LYS A 27 17.29 -9.76 -8.03
N ASP A 28 18.06 -8.62 -7.81
N ASP A 28 17.99 -8.65 -7.85
CA ASP A 28 19.52 -8.59 -7.96
CA ASP A 28 19.43 -8.66 -8.04
C ASP A 28 20.22 -9.41 -6.89
C ASP A 28 20.11 -9.52 -6.97
N THR A 29 19.66 -9.48 -5.69
N THR A 29 19.59 -9.47 -5.74
CA THR A 29 20.34 -10.28 -4.65
CA THR A 29 20.22 -10.24 -4.66
C THR A 29 20.05 -11.77 -4.82
C THR A 29 19.98 -11.73 -4.82
N LEU A 30 18.93 -12.10 -5.47
N LEU A 30 18.92 -12.09 -5.55
CA LEU A 30 18.45 -13.47 -5.47
CA LEU A 30 18.44 -13.48 -5.54
C LEU A 30 18.97 -14.24 -6.66
C LEU A 30 18.90 -14.27 -6.76
N MET A 31 19.24 -13.51 -7.75
N MET A 31 19.15 -13.56 -7.83
CA MET A 31 19.55 -14.17 -9.00
CA MET A 31 19.59 -14.22 -9.03
C MET A 31 21.05 -13.98 -9.28
C MET A 31 21.09 -14.04 -9.22
N ILE A 32 21.77 -15.10 -9.35
N ILE A 32 21.86 -15.12 -9.26
CA ILE A 32 23.21 -15.13 -9.25
CA ILE A 32 23.32 -15.03 -9.18
C ILE A 32 23.92 -14.44 -10.42
C ILE A 32 23.91 -14.29 -10.38
N SER A 33 23.24 -14.36 -11.55
N SER A 33 23.22 -14.37 -11.52
CA SER A 33 23.89 -13.62 -12.66
CA SER A 33 23.73 -13.66 -12.70
C SER A 33 23.78 -12.11 -12.53
C SER A 33 23.68 -12.15 -12.57
N ARG A 34 22.85 -11.64 -11.70
N ARG A 34 22.84 -11.65 -11.67
CA ARG A 34 22.58 -10.19 -11.65
CA ARG A 34 22.58 -10.21 -11.63
C ARG A 34 23.52 -9.51 -10.67
C ARG A 34 23.51 -9.49 -10.67
N THR A 35 23.46 -8.17 -10.64
N THR A 35 23.38 -8.17 -10.63
CA THR A 35 24.46 -7.38 -9.99
CA THR A 35 24.39 -7.33 -10.02
C THR A 35 23.86 -6.50 -8.86
C THR A 35 23.83 -6.47 -8.88
N PRO A 36 23.86 -7.02 -7.61
N PRO A 36 23.81 -7.01 -7.64
CA PRO A 36 23.31 -6.24 -6.50
CA PRO A 36 23.26 -6.24 -6.50
C PRO A 36 24.28 -5.16 -6.02
C PRO A 36 24.23 -5.16 -6.02
N GLU A 37 23.74 -3.96 -5.79
N GLU A 37 23.69 -3.97 -5.74
CA GLU A 37 24.53 -2.80 -5.33
CA GLU A 37 24.48 -2.83 -5.28
C GLU A 37 23.84 -2.15 -4.15
C GLU A 37 23.80 -2.13 -4.11
N VAL A 38 24.63 -1.62 -3.24
N VAL A 38 24.60 -1.63 -3.18
CA VAL A 38 24.09 -0.73 -2.22
CA VAL A 38 24.10 -0.75 -2.14
C VAL A 38 24.47 0.70 -2.67
C VAL A 38 24.58 0.65 -2.53
N THR A 39 23.58 1.65 -2.41
N THR A 39 23.72 1.65 -2.40
CA THR A 39 23.73 2.97 -3.00
CA THR A 39 23.99 2.95 -2.99
C THR A 39 23.74 4.04 -1.92
C THR A 39 23.88 4.03 -1.94
N CYS A 40 24.79 4.84 -1.89
N CYS A 40 24.95 4.80 -1.77
CA CYS A 40 24.92 5.86 -0.87
CA CYS A 40 24.96 5.83 -0.75
C CYS A 40 24.77 7.22 -1.53
C CYS A 40 24.82 7.18 -1.42
N VAL A 41 23.71 7.94 -1.18
N VAL A 41 23.73 7.87 -1.11
CA VAL A 41 23.34 9.17 -1.86
CA VAL A 41 23.40 9.13 -1.76
C VAL A 41 23.68 10.36 -0.96
C VAL A 41 23.41 10.27 -0.74
N VAL A 42 24.40 11.33 -1.53
N VAL A 42 24.18 11.30 -1.05
CA VAL A 42 24.68 12.58 -0.83
CA VAL A 42 24.30 12.46 -0.20
C VAL A 42 24.00 13.77 -1.53
C VAL A 42 23.68 13.66 -0.92
N VAL A 43 23.16 14.48 -0.79
N VAL A 43 22.74 14.34 -0.28
CA VAL A 43 22.42 15.64 -1.32
CA VAL A 43 22.14 15.53 -0.88
C VAL A 43 22.65 16.90 -0.45
C VAL A 43 22.58 16.79 -0.12
N ASP A 44 22.50 18.06 -1.08
N ASP A 44 21.99 17.92 -0.48
CA ASP A 44 22.79 19.33 -0.42
CA ASP A 44 22.24 19.20 0.20
C ASP A 44 24.28 19.52 -0.26
C ASP A 44 23.71 19.50 0.49
N VAL A 45 25.04 19.08 -1.26
N VAL A 45 24.58 19.14 -0.45
CA VAL A 45 26.47 19.34 -1.28
CA VAL A 45 25.97 19.52 -0.36
C VAL A 45 26.65 20.71 -1.90
C VAL A 45 26.13 20.90 -1.02
N SER A 46 27.48 21.54 -1.29
N SER A 46 26.85 21.79 -0.36
CA SER A 46 27.59 22.94 -1.70
CA SER A 46 26.93 23.19 -0.82
C SER A 46 28.60 23.16 -2.82
C SER A 46 27.96 23.40 -1.94
N HIS A 47 28.40 24.24 -3.56
N HIS A 47 27.66 24.35 -2.84
CA HIS A 47 29.40 24.73 -4.50
CA HIS A 47 28.57 24.67 -3.94
C HIS A 47 30.63 25.19 -3.72
C HIS A 47 29.96 25.11 -3.48
N GLU A 48 30.39 25.87 -2.60
N GLU A 48 30.00 25.65 -2.27
CA GLU A 48 31.47 26.45 -1.80
CA GLU A 48 31.22 26.16 -1.65
C GLU A 48 32.26 25.37 -1.04
C GLU A 48 32.20 25.09 -1.16
N ASP A 49 31.67 24.16 -0.84
N ASP A 49 31.65 24.01 -0.64
CA ASP A 49 32.33 23.05 -0.16
CA ASP A 49 32.44 22.94 -0.07
C ASP A 49 31.88 21.72 -0.77
C ASP A 49 31.93 21.67 -0.73
N PRO A 50 32.14 21.55 -1.85
N PRO A 50 32.25 21.54 -2.01
CA PRO A 50 31.65 20.41 -2.61
CA PRO A 50 31.84 20.44 -2.87
C PRO A 50 32.40 19.12 -2.27
C PRO A 50 32.40 19.06 -2.60
N GLU A 51 33.42 19.20 -1.43
N GLU A 51 33.65 18.93 -2.21
CA GLU A 51 34.28 18.05 -1.16
CA GLU A 51 34.24 17.60 -2.22
C GLU A 51 33.55 16.97 -0.36
C GLU A 51 33.72 16.67 -1.12
N VAL A 52 33.35 15.82 -1.00
N VAL A 52 33.56 15.39 -1.45
CA VAL A 52 32.75 14.67 -0.33
CA VAL A 52 32.99 14.40 -0.54
C VAL A 52 33.62 13.44 -0.53
C VAL A 52 33.86 13.16 -0.41
N LYS A 53 34.04 12.84 0.59
N LYS A 53 34.06 12.70 0.83
CA LYS A 53 34.79 11.58 0.55
CA LYS A 53 34.85 11.54 1.24
C LYS A 53 33.89 10.46 1.05
C LYS A 53 33.98 10.44 1.87
N PHE A 54 33.99 9.30 0.41
N PHE A 54 33.93 9.28 1.22
CA PHE A 54 33.25 8.12 0.84
CA PHE A 54 33.16 8.13 1.70
C PHE A 54 34.19 7.07 1.42
C PHE A 54 34.03 7.05 2.33
N ASN A 55 33.83 6.52 2.59
N ASN A 55 33.61 6.55 3.49
CA ASN A 55 34.40 5.25 3.03
CA ASN A 55 34.16 5.30 4.03
C ASN A 55 33.28 4.21 3.21
C ASN A 55 33.09 4.22 4.06
N TRP A 56 33.56 2.96 2.84
N TRP A 56 33.34 3.15 3.32
CA TRP A 56 32.60 1.86 2.97
CA TRP A 56 32.42 2.02 3.23
C TRP A 56 33.11 0.74 3.87
C TRP A 56 32.89 0.86 4.09
N TYR A 57 32.21 0.11 4.60
N TYR A 57 32.03 0.37 4.96
CA TYR A 57 32.58 -1.00 5.49
CA TYR A 57 32.34 -0.81 5.77
C TYR A 57 31.53 -2.11 5.56
C TYR A 57 31.43 -1.98 5.42
N VAL A 58 31.98 -3.35 5.61
N VAL A 58 31.97 -3.20 5.51
CA VAL A 58 31.10 -4.51 5.59
CA VAL A 58 31.15 -4.41 5.51
C VAL A 58 31.27 -5.25 6.91
C VAL A 58 31.50 -5.15 6.78
N ASP A 59 30.29 -5.09 7.81
N ASP A 59 30.51 -5.38 7.63
CA ASP A 59 30.41 -5.59 9.18
CA ASP A 59 30.76 -5.85 9.00
C ASP A 59 31.55 -4.90 9.93
C ASP A 59 32.05 -5.25 9.59
N GLY A 60 31.90 -3.69 9.52
N GLY A 60 32.27 -3.97 9.35
CA GLY A 60 32.91 -2.91 10.23
CA GLY A 60 33.37 -3.26 10.00
C GLY A 60 34.31 -2.97 9.66
C GLY A 60 34.66 -3.31 9.22
N VAL A 61 34.48 -3.70 8.56
N VAL A 61 34.79 -4.27 8.32
CA VAL A 61 35.77 -3.76 7.85
CA VAL A 61 35.98 -4.31 7.50
C VAL A 61 35.70 -2.99 6.53
C VAL A 61 35.93 -3.20 6.48
N GLU A 62 36.78 -2.29 6.16
N GLU A 62 36.42 -2.02 6.84
CA GLU A 62 36.73 -1.38 5.00
CA GLU A 62 36.38 -0.98 5.84
C GLU A 62 36.94 -2.09 3.65
C GLU A 62 36.73 -1.71 4.55
N VAL A 63 36.18 -1.67 2.64
N VAL A 63 35.93 -1.49 3.52
CA VAL A 63 36.38 -2.14 1.26
CA VAL A 63 36.20 -2.09 2.20
C VAL A 63 36.68 -0.95 0.35
C VAL A 63 36.56 -0.95 1.25
N HIS A 64 37.26 -1.22 -0.80
N HIS A 64 37.21 -1.27 0.13
CA HIS A 64 37.71 -0.16 -1.70
CA HIS A 64 37.82 -0.22 -0.69
C HIS A 64 37.20 -0.35 -3.14
C HIS A 64 37.39 -0.16 -2.16
N ASN A 65 36.23 -1.24 -3.33
N ASN A 65 36.37 -0.93 -2.53
CA ASN A 65 35.71 -1.51 -4.66
CA ASN A 65 36.00 -1.03 -3.95
C ASN A 65 34.57 -0.60 -5.09
C ASN A 65 34.73 -0.28 -4.41
N ALA A 66 34.16 0.32 -4.21
N ALA A 66 34.28 0.70 -3.62
CA ALA A 66 33.06 1.21 -4.55
CA ALA A 66 33.13 1.51 -4.05
C ALA A 66 33.44 2.15 -5.67
C ALA A 66 33.48 2.43 -5.22
N LYS A 67 32.43 2.78 -6.25
N LYS A 67 32.49 2.72 -6.06
CA LYS A 67 32.68 3.76 -7.29
CA LYS A 67 32.71 3.54 -7.26
C LYS A 67 31.85 5.00 -6.99
C LYS A 67 31.80 4.77 -7.28
N THR A 68 32.53 6.14 -6.94
N THR A 68 32.42 5.95 -7.42
CA THR A 68 31.87 7.39 -6.63
CA THR A 68 31.69 7.21 -7.39
C THR A 68 31.65 8.18 -7.91
C THR A 68 31.24 7.69 -8.78
N LYS A 69 30.39 8.58 -8.14
N LYS A 69 29.94 7.96 -8.92
CA LYS A 69 30.05 9.39 -9.31
CA LYS A 69 29.41 8.51 -10.16
C LYS A 69 30.47 10.84 -9.10
C LYS A 69 29.75 9.99 -10.26
N PRO A 70 30.77 11.55 -10.19
N PRO A 70 29.64 10.55 -11.48
CA PRO A 70 31.10 12.97 -10.07
CA PRO A 70 29.94 11.97 -11.65
C PRO A 70 29.89 13.74 -9.55
C PRO A 70 28.97 12.83 -10.85
N ARG A 71 30.14 14.73 -8.71
N ARG A 71 29.51 13.82 -10.13
CA ARG A 71 29.09 15.59 -8.19
CA ARG A 71 28.69 14.74 -9.35
C ARG A 71 28.17 16.08 -9.30
C ARG A 71 27.59 15.33 -10.22
N GLU A 72 26.88 16.18 -8.99
N GLU A 72 26.43 15.57 -9.61
CA GLU A 72 25.88 16.63 -9.97
CA GLU A 72 25.26 16.00 -10.38
C GLU A 72 24.98 17.72 -9.42
C GLU A 72 24.72 17.35 -9.91
N GLU A 73 24.91 18.84 -10.15
N GLU A 73 24.95 18.38 -10.72
CA GLU A 73 24.09 19.99 -9.76
CA GLU A 73 24.40 19.70 -10.42
C GLU A 73 22.57 19.73 -9.90
C GLU A 73 22.89 19.62 -10.34
N GLN A 74 21.85 20.10 -8.86
N GLN A 74 22.33 19.93 -9.17
CA GLN A 74 20.43 19.94 -8.85
CA GLN A 74 20.88 19.96 -9.00
C GLN A 74 19.83 21.28 -9.20
C GLN A 74 20.35 21.32 -9.44
N TYR A 75 18.56 21.27 -9.55
N TYR A 75 19.06 21.37 -9.74
CA TYR A 75 17.90 22.48 -9.98
CA TYR A 75 18.44 22.62 -10.14
C TYR A 75 17.89 23.46 -8.82
C TYR A 75 18.45 23.62 -9.00
N ASN A 76 18.05 22.95 -7.60
N ASN A 76 18.59 23.11 -7.77
CA ASN A 76 18.02 23.76 -6.40
CA ASN A 76 18.70 23.98 -6.60
C ASN A 76 19.40 24.27 -6.01
C ASN A 76 20.13 24.41 -6.28
N SER A 77 20.37 24.10 -6.88
N SER A 77 21.00 24.34 -7.29
CA SER A 77 21.65 24.76 -6.68
CA SER A 77 22.37 24.82 -7.20
C SER A 77 22.60 24.05 -5.75
C SER A 77 23.21 24.09 -6.16
N THR A 78 22.23 22.85 -5.37
N THR A 78 22.82 22.87 -5.85
CA THR A 78 23.09 22.02 -4.57
CA THR A 78 23.55 22.07 -4.87
C THR A 78 23.50 20.91 -5.48
C THR A 78 24.13 20.86 -5.56
N TYR A 79 24.52 20.20 -5.06
N TYR A 79 24.93 20.10 -4.81
CA TYR A 79 24.97 19.07 -5.87
CA TYR A 79 25.52 18.89 -5.33
C TYR A 79 24.48 17.78 -5.23
C TYR A 79 24.86 17.66 -4.71
N ARG A 80 24.50 16.69 -6.02
N ARG A 80 24.42 16.76 -5.58
CA ARG A 80 24.17 15.35 -5.53
CA ARG A 80 24.02 15.40 -5.19
C ARG A 80 25.36 14.44 -5.72
C ARG A 80 25.10 14.47 -5.73
N VAL A 81 25.75 13.72 -4.67
N VAL A 81 25.74 13.72 -4.84
CA VAL A 81 26.92 12.86 -4.74
CA VAL A 81 26.83 12.85 -5.23
C VAL A 81 26.56 11.41 -4.41
C VAL A 81 26.50 11.43 -4.77
N VAL A 82 27.06 10.47 -5.20
N VAL A 82 26.57 10.48 -5.70
CA VAL A 82 26.71 9.05 -5.04
CA VAL A 82 26.17 9.11 -5.41
C VAL A 82 27.92 8.13 -5.09
C VAL A 82 27.38 8.17 -5.40
N SER A 83 27.92 7.11 -4.23
N SER A 83 27.52 7.41 -4.32
CA SER A 83 28.88 6.02 -4.35
CA SER A 83 28.55 6.34 -4.21
C SER A 83 28.09 4.72 -4.40
C SER A 83 27.86 4.98 -4.28
N VAL A 84 28.39 3.90 -5.41
N VAL A 84 28.49 4.04 -4.98
CA VAL A 84 27.72 2.59 -5.60
CA VAL A 84 27.93 2.69 -5.13
C VAL A 84 28.69 1.47 -5.28
C VAL A 84 28.90 1.57 -4.74
N LEU A 85 28.30 0.61 -4.33
N LEU A 85 28.38 0.61 -4.00
CA LEU A 85 29.15 -0.49 -3.87
CA LEU A 85 29.16 -0.55 -3.60
C LEU A 85 28.46 -1.83 -4.17
C LEU A 85 28.57 -1.81 -4.23
N THR A 86 28.97 -2.52 -5.19
N THR A 86 29.43 -2.67 -4.77
CA THR A 86 28.43 -3.82 -5.59
CA THR A 86 28.99 -3.98 -5.18
C THR A 86 28.69 -4.79 -4.45
C THR A 86 28.84 -4.82 -3.94
N VAL A 87 27.71 -5.62 -4.11
N VAL A 87 27.80 -5.63 -3.89
CA VAL A 87 27.91 -6.56 -3.02
CA VAL A 87 27.62 -6.53 -2.77
C VAL A 87 27.87 -8.00 -3.52
C VAL A 87 27.67 -7.94 -3.33
N LEU A 88 28.41 -8.91 -2.71
N LEU A 88 28.28 -8.84 -2.58
CA LEU A 88 28.23 -10.34 -2.93
CA LEU A 88 28.20 -10.27 -2.84
C LEU A 88 26.84 -10.77 -2.47
C LEU A 88 26.82 -10.78 -2.42
N HIS A 89 26.14 -11.52 -3.32
N HIS A 89 26.17 -11.54 -3.31
CA HIS A 89 24.78 -11.98 -3.05
CA HIS A 89 24.79 -12.01 -3.11
C HIS A 89 24.76 -12.65 -1.69
C HIS A 89 24.64 -12.66 -1.75
N GLN A 90 25.76 -13.50 -1.46
N GLN A 90 25.52 -13.62 -1.49
CA GLN A 90 25.82 -14.26 -0.22
CA GLN A 90 25.44 -14.37 -0.24
C GLN A 90 25.89 -13.34 1.01
C GLN A 90 25.76 -13.51 1.00
N ASP A 91 26.75 -12.33 0.96
N ASP A 91 26.66 -12.54 0.89
CA ASP A 91 26.91 -11.41 2.10
CA ASP A 91 26.93 -11.59 1.99
C ASP A 91 25.61 -10.69 2.44
C ASP A 91 25.64 -10.87 2.37
N TRP A 92 24.94 -10.15 1.43
N TRP A 92 24.98 -10.31 1.37
CA TRP A 92 23.63 -9.52 1.66
CA TRP A 92 23.72 -9.60 1.63
C TRP A 92 22.63 -10.50 2.27
C TRP A 92 22.64 -10.50 2.24
N LEU A 93 22.47 -11.67 1.63
N LEU A 93 22.40 -11.66 1.60
CA LEU A 93 21.55 -12.69 2.12
CA LEU A 93 21.39 -12.60 2.12
C LEU A 93 21.92 -13.26 3.50
C LEU A 93 21.69 -13.09 3.54
N ASN A 94 23.18 -13.15 3.89
N ASN A 94 22.96 -13.19 3.87
CA ASN A 94 23.58 -13.64 5.20
CA ASN A 94 23.41 -13.71 5.18
C ASN A 94 23.41 -12.58 6.29
C ASN A 94 23.54 -12.60 6.22
N GLY A 95 23.08 -11.36 5.89
N GLY A 95 22.98 -11.44 5.92
CA GLY A 95 22.83 -10.30 6.89
CA GLY A 95 22.74 -10.43 6.95
C GLY A 95 24.04 -9.44 7.22
C GLY A 95 23.90 -9.51 7.29
N LYS A 96 25.03 -9.42 6.33
N LYS A 96 24.94 -9.51 6.48
CA LYS A 96 26.17 -8.56 6.56
CA LYS A 96 26.00 -8.54 6.68
C LYS A 96 25.80 -7.07 6.51
C LYS A 96 25.44 -7.12 6.69
N GLU A 97 26.47 -6.28 7.34
N GLU A 97 26.05 -6.23 7.48
CA GLU A 97 26.11 -4.87 7.52
CA GLU A 97 25.62 -4.84 7.54
C GLU A 97 26.93 -3.95 6.63
C GLU A 97 26.59 -3.96 6.79
N TYR A 98 26.24 -3.04 5.96
N TYR A 98 26.04 -3.08 5.96
CA TYR A 98 26.90 -2.14 5.01
CA TYR A 98 26.85 -2.24 5.08
C TYR A 98 26.77 -0.71 5.52
C TYR A 98 26.86 -0.83 5.62
N LYS A 99 27.89 -0.12 5.88
N LYS A 99 28.04 -0.30 5.87
CA LYS A 99 27.95 1.26 6.34
CA LYS A 99 28.18 1.04 6.43
C LYS A 99 28.72 2.13 5.36
C LYS A 99 28.67 2.05 5.42
N CYS A 100 28.08 3.24 4.96
N CYS A 100 27.88 3.11 5.28
CA CYS A 100 28.68 4.26 4.09
CA CYS A 100 28.32 4.29 4.59
C CYS A 100 28.99 5.49 4.92
C CYS A 100 28.58 5.39 5.61
N LYS A 101 30.25 5.94 4.89
N LYS A 101 29.83 5.84 5.64
CA LYS A 101 30.66 7.08 5.69
CA LYS A 101 30.23 7.02 6.38
C LYS A 101 30.87 8.30 4.81
C LYS A 101 30.74 8.03 5.36
N VAL A 102 30.19 9.39 5.18
N VAL A 102 30.24 9.26 5.42
CA VAL A 102 30.23 10.65 4.43
CA VAL A 102 30.59 10.28 4.43
C VAL A 102 30.80 11.79 5.27
C VAL A 102 31.29 11.48 5.06
N SER A 103 31.95 12.26 4.86
N SER A 103 32.19 12.10 4.30
CA SER A 103 32.63 13.35 5.54
CA SER A 103 32.97 13.22 4.81
C SER A 103 32.68 14.52 4.59
C SER A 103 32.86 14.45 3.91
N ASN A 104 32.33 15.71 5.08
N ASN A 104 32.77 15.60 4.56
CA ASN A 104 32.30 16.90 4.25
CA ASN A 104 32.59 16.86 3.87
C ASN A 104 32.61 18.13 5.10
C ASN A 104 33.04 17.95 4.82
N LYS A 105 33.38 19.07 4.54
N LYS A 105 33.68 18.99 4.28
CA LYS A 105 33.75 20.29 5.26
CA LYS A 105 34.14 20.11 5.09
C LYS A 105 32.60 20.82 6.10
C LYS A 105 32.99 20.77 5.84
N ALA A 106 31.41 20.91 5.50
N ALA A 106 31.81 20.78 5.21
CA ALA A 106 30.24 21.45 6.19
CA ALA A 106 30.64 21.45 5.77
C ALA A 106 29.78 20.51 7.28
C ALA A 106 29.98 20.65 6.89
N LEU A 107 30.47 19.39 7.42
N LEU A 107 30.45 19.43 7.10
CA LEU A 107 30.09 18.38 8.40
CA LEU A 107 29.89 18.58 8.14
C LEU A 107 31.15 18.23 9.49
C LEU A 107 30.75 18.63 9.39
N PRO A 108 30.92 18.89 10.63
N PRO A 108 30.15 18.96 10.54
CA PRO A 108 31.75 18.80 11.82
CA PRO A 108 30.93 18.90 11.76
C PRO A 108 32.02 17.35 12.22
C PRO A 108 31.73 17.59 11.83
N ALA A 109 31.11 16.46 11.85
N ALA A 109 31.01 16.48 11.87
CA ALA A 109 31.20 15.05 12.19
CA ALA A 109 31.62 15.15 11.79
C ALA A 109 30.65 14.23 11.02
C ALA A 109 31.08 14.45 10.54
N PRO A 110 31.31 13.10 10.69
N PRO A 110 31.80 13.43 10.04
CA PRO A 110 30.81 12.24 9.61
CA PRO A 110 31.22 12.68 8.93
C PRO A 110 29.43 11.70 9.94
C PRO A 110 29.82 12.17 9.25
N ILE A 111 28.53 11.68 8.94
N ILE A 111 29.05 11.84 8.21
CA ILE A 111 27.26 11.00 9.10
CA ILE A 111 27.76 11.17 8.36
C ILE A 111 27.45 9.58 8.60
C ILE A 111 27.92 9.67 8.11
N GLU A 112 27.05 8.62 9.41
N GLU A 112 27.33 8.85 8.97
CA GLU A 112 27.13 7.21 9.04
CA GLU A 112 27.37 7.40 8.82
C GLU A 112 25.74 6.62 9.02
C GLU A 112 25.96 6.83 8.66
N LYS A 113 25.36 6.04 7.87
N LYS A 113 25.83 5.85 7.77
CA LYS A 113 24.16 5.25 7.77
CA LYS A 113 24.57 5.19 7.59
C LYS A 113 24.59 3.82 7.57
C LYS A 113 24.84 3.69 7.47
N THR A 114 23.84 2.90 8.17
N THR A 114 23.96 2.88 8.04
CA THR A 114 24.07 1.48 7.97
CA THR A 114 24.12 1.42 7.99
C THR A 114 22.80 0.86 7.38
C THR A 114 22.83 0.68 7.59
N ILE A 115 22.98 -0.21 6.62
N ILE A 115 22.96 -0.17 6.57
CA ILE A 115 21.84 -0.96 6.13
CA ILE A 115 21.83 -0.94 6.07
C ILE A 115 22.21 -2.43 5.96
C ILE A 115 22.18 -2.43 5.98
N SER A 116 21.19 -3.27 6.08
N SER A 116 21.14 -3.26 6.10
CA SER A 116 21.33 -4.70 5.86
CA SER A 116 21.23 -4.71 5.95
C SER A 116 19.95 -5.24 5.49
C SER A 116 19.88 -5.25 5.50
N LYS A 117 19.94 -6.50 5.10
N LYS A 117 19.85 -6.51 5.10
CA LYS A 117 18.72 -7.17 4.70
CA LYS A 117 18.60 -7.13 4.72
C LYS A 117 17.65 -7.06 5.78
C LYS A 117 17.62 -7.14 5.89
N ALA A 118 16.40 -7.25 5.35
N ALA A 118 16.35 -6.93 5.59
CA ALA A 118 15.28 -7.32 6.29
CA ALA A 118 15.31 -7.04 6.61
C ALA A 118 15.44 -8.50 7.22
C ALA A 118 15.54 -8.33 7.38
N LYS A 119 15.19 -8.28 8.51
N LYS A 119 15.54 -8.22 8.71
CA LYS A 119 15.40 -9.32 9.50
CA LYS A 119 15.75 -9.38 9.57
C LYS A 119 14.22 -10.30 9.60
C LYS A 119 14.46 -10.18 9.71
N GLY A 120 14.52 -11.52 10.08
N GLY A 120 14.61 -11.46 10.04
CA GLY A 120 13.48 -12.51 10.35
CA GLY A 120 13.46 -12.32 10.31
C GLY A 120 13.87 -13.86 9.81
C GLY A 120 13.63 -13.69 9.71
N GLN A 121 13.24 -14.89 10.38
N GLN A 121 13.16 -14.69 10.43
CA GLN A 121 13.43 -16.28 9.95
CA GLN A 121 13.32 -16.03 9.94
C GLN A 121 12.69 -16.47 8.62
C GLN A 121 12.69 -16.16 8.56
N PRO A 122 13.36 -17.08 7.62
N PRO A 122 13.48 -16.49 7.54
CA PRO A 122 12.70 -17.15 6.31
CA PRO A 122 12.87 -16.65 6.20
C PRO A 122 11.48 -18.06 6.28
C PRO A 122 11.81 -17.76 6.19
N ARG A 123 10.49 -17.69 5.49
N ARG A 123 10.65 -17.51 5.56
CA ARG A 123 9.35 -18.54 5.28
CA ARG A 123 9.63 -18.53 5.36
C ARG A 123 9.09 -18.60 3.80
C ARG A 123 9.25 -18.57 3.90
N GLU A 124 8.99 -19.82 3.31
N GLU A 124 9.05 -19.78 3.38
CA GLU A 124 8.82 -20.11 1.91
CA GLU A 124 8.87 -20.00 1.97
C GLU A 124 7.44 -19.68 1.40
C GLU A 124 7.49 -19.60 1.45
N PRO A 125 7.40 -18.76 0.41
N PRO A 125 7.44 -18.89 0.32
CA PRO A 125 6.13 -18.37 -0.16
CA PRO A 125 6.22 -18.54 -0.40
C PRO A 125 5.41 -19.59 -0.73
C PRO A 125 5.46 -19.78 -0.88
N GLN A 126 4.07 -19.54 -0.70
N GLN A 126 4.12 -19.72 -0.80
CA GLN A 126 3.25 -20.52 -1.37
CA GLN A 126 3.29 -20.67 -1.53
C GLN A 126 2.68 -19.77 -2.57
C GLN A 126 2.68 -19.86 -2.67
N VAL A 127 2.73 -20.39 -3.73
N VAL A 127 2.68 -20.42 -3.86
CA VAL A 127 2.37 -19.66 -4.95
CA VAL A 127 2.29 -19.64 -5.04
C VAL A 127 1.22 -20.39 -5.62
C VAL A 127 1.11 -20.33 -5.72
N TYR A 128 0.19 -19.62 -5.96
N TYR A 128 -0.01 -19.61 -5.78
CA TYR A 128 -0.99 -20.15 -6.60
CA TYR A 128 -1.25 -20.14 -6.34
C TYR A 128 -1.38 -19.25 -7.73
C TYR A 128 -1.76 -19.23 -7.43
N VAL A 129 -1.86 -19.84 -8.79
N VAL A 129 -1.87 -19.77 -8.65
CA VAL A 129 -2.43 -19.04 -9.85
CA VAL A 129 -2.36 -19.02 -9.82
C VAL A 129 -3.92 -19.32 -9.97
C VAL A 129 -3.81 -19.35 -10.20
N TYR A 130 -4.63 -18.30 -10.42
CA TYR A 130 -6.09 -18.30 -10.53
C TYR A 130 -6.46 -17.87 -11.93
N LEU A 130 -4.58 -18.29 -10.43
CA LEU A 130 -6.03 -18.38 -10.63
C LEU A 130 -6.44 -17.89 -12.01
N PRO A 131 -7.26 -18.68 -12.63
N PRO A 131 -7.24 -18.70 -12.73
CA PRO A 131 -7.77 -18.27 -13.93
CA PRO A 131 -7.74 -18.31 -14.04
C PRO A 131 -8.80 -17.14 -13.83
C PRO A 131 -8.89 -17.35 -13.84
N PRO A 132 -9.25 -16.62 -14.97
N PRO A 132 -9.22 -16.54 -14.87
CA PRO A 132 -10.27 -15.57 -14.98
CA PRO A 132 -10.30 -15.57 -14.77
C PRO A 132 -11.64 -16.06 -14.50
C PRO A 132 -11.59 -16.16 -14.20
N SER A 133 -12.36 -15.19 -13.81
N SER A 133 -12.33 -15.36 -13.47
CA SER A 133 -13.76 -15.42 -13.49
CA SER A 133 -13.69 -15.72 -13.08
C SER A 133 -14.57 -15.80 -14.74
C SER A 133 -14.50 -15.88 -14.39
N ARG A 134 -15.53 -16.71 -14.60
N ARG A 134 -15.38 -16.87 -14.44
CA ARG A 134 -16.54 -16.90 -15.65
CA ARG A 134 -16.26 -17.02 -15.61
C ARG A 134 -17.14 -15.54 -16.09
C ARG A 134 -16.97 -15.70 -15.98
N ASP A 135 -17.54 -14.73 -15.10
N ASP A 135 -17.38 -14.95 -14.97
CA ASP A 135 -18.12 -13.42 -15.35
CA ASP A 135 -18.02 -13.64 -15.16
C ASP A 135 -17.25 -12.50 -16.23
C ASP A 135 -17.19 -12.69 -16.02
N GLU A 136 -15.92 -12.63 -16.13
N GLU A 136 -15.86 -12.75 -15.88
CA GLU A 136 -15.02 -11.67 -16.77
CA GLU A 136 -15.01 -11.82 -16.61
C GLU A 136 -14.86 -11.95 -18.27
C GLU A 136 -14.82 -12.30 -18.04
N LEU A 137 -15.29 -13.13 -18.70
N LEU A 137 -15.06 -13.60 -18.26
CA LEU A 137 -15.06 -13.55 -20.09
CA LEU A 137 -14.79 -14.23 -19.56
C LEU A 137 -15.87 -12.73 -21.08
C LEU A 137 -15.67 -13.65 -20.66
N THR A 138 -16.79 -11.92 -20.57
N THR A 138 -16.56 -12.74 -20.31
CA THR A 138 -17.62 -11.05 -21.40
CA THR A 138 -17.42 -12.09 -21.28
C THR A 138 -16.83 -9.84 -21.89
C THR A 138 -16.82 -10.78 -21.78
N LYS A 139 -15.65 -9.65 -21.31
N LYS A 139 -15.80 -10.29 -21.07
CA LYS A 139 -14.85 -8.46 -21.58
CA LYS A 139 -15.11 -9.06 -21.44
C LYS A 139 -13.77 -8.71 -22.63
C LYS A 139 -14.06 -9.35 -22.51
N ASN A 140 -13.20 -7.63 -23.16
N ASN A 140 -13.41 -8.30 -23.01
CA ASN A 140 -12.15 -7.76 -24.18
CA ASN A 140 -12.39 -8.44 -24.05
C ASN A 140 -10.85 -8.28 -23.58
C ASN A 140 -10.96 -8.62 -23.49
N GLN A 141 -10.73 -8.18 -22.26
N GLN A 141 -10.72 -8.10 -22.28
CA GLN A 141 -9.52 -8.61 -21.55
CA GLN A 141 -9.46 -8.36 -21.54
C GLN A 141 -9.88 -9.46 -20.34
C GLN A 141 -9.78 -9.06 -20.25
N VAL A 142 -8.91 -10.24 -19.86
N VAL A 142 -9.01 -10.11 -19.91
CA VAL A 142 -9.21 -11.10 -18.73
CA VAL A 142 -9.25 -10.85 -18.68
C VAL A 142 -8.08 -10.97 -17.72
C VAL A 142 -8.07 -10.76 -17.73
N SER A 143 -8.35 -11.34 -16.47
N SER A 143 -8.28 -11.14 -16.48
CA SER A 143 -7.42 -11.09 -15.38
CA SER A 143 -7.26 -10.98 -15.46
C SER A 143 -6.85 -12.38 -14.84
C SER A 143 -6.82 -12.37 -15.01
N LEU A 144 -5.55 -12.58 -15.06
N LEU A 144 -5.50 -12.55 -14.90
CA LEU A 144 -4.87 -13.72 -14.48
CA LEU A 144 -4.98 -13.78 -14.35
C LEU A 144 -4.27 -13.25 -13.19
C LEU A 144 -4.29 -13.39 -13.05
N THR A 145 -4.47 -14.05 -12.15
CA THR A 145 -4.17 -13.65 -10.79
C THR A 145 -3.13 -14.61 -10.21
N LEU A 145 -4.55 -14.14 -12.01
CA LEU A 145 -4.03 -13.79 -10.68
C LEU A 145 -2.94 -14.71 -10.20
N CYS A 146 -2.09 -14.05 -9.58
N CYS A 146 -1.93 -14.11 -9.57
CA CYS A 146 -1.11 -14.87 -8.86
CA CYS A 146 -0.93 -14.88 -8.87
C CYS A 146 -1.05 -14.43 -7.39
C CYS A 146 -0.95 -14.48 -7.41
N LEU A 147 -1.50 -15.32 -6.51
N LEU A 147 -1.28 -15.45 -6.57
CA LEU A 147 -1.41 -15.16 -5.06
CA LEU A 147 -1.32 -15.28 -5.13
C LEU A 147 -0.09 -15.74 -4.56
C LEU A 147 -0.04 -15.88 -4.57
N VAL A 148 0.66 -14.95 -3.82
N VAL A 148 0.76 -15.05 -3.91
CA VAL A 148 1.88 -15.42 -3.14
CA VAL A 148 1.94 -15.53 -3.17
C VAL A 148 1.68 -15.09 -1.66
C VAL A 148 1.69 -15.33 -1.70
N LYS A 149 1.68 -16.10 -0.80
N LYS A 149 1.57 -16.42 -0.94
CA LYS A 149 1.44 -15.88 0.62
CA LYS A 149 1.24 -16.27 0.47
C LYS A 149 2.39 -16.71 1.48
C LYS A 149 2.19 -17.04 1.38
N GLY A 150 2.34 -16.46 2.77
N GLY A 150 2.27 -16.57 2.62
CA GLY A 150 3.14 -17.21 3.75
CA GLY A 150 3.07 -17.21 3.65
C GLY A 150 4.61 -16.85 3.77
C GLY A 150 4.57 -17.05 3.48
N PHE A 151 5.01 -15.83 3.02
N PHE A 151 5.00 -15.87 3.05
CA PHE A 151 6.45 -15.51 2.93
CA PHE A 151 6.45 -15.56 2.95
C PHE A 151 7.01 -14.54 3.96
C PHE A 151 6.99 -14.57 3.99
N TYR A 152 8.29 -14.72 4.29
N TYR A 152 8.29 -14.70 4.30
CA TYR A 152 8.96 -13.82 5.20
CA TYR A 152 8.92 -13.81 5.25
C TYR A 152 10.42 -13.77 4.82
C TYR A 152 10.39 -13.74 4.88
N PRO A 153 11.10 -12.72 5.29
N PRO A 153 11.02 -12.64 5.31
CA PRO A 153 10.66 -11.32 5.07
CA PRO A 153 11.08 -11.28 4.80
C PRO A 153 10.00 -10.95 3.74
C PRO A 153 10.09 -10.95 3.67
N SER A 154 9.63 -9.67 3.62
N SER A 154 9.68 -9.69 3.60
CA SER A 154 8.74 -9.23 2.56
CA SER A 154 8.75 -9.25 2.56
C SER A 154 9.46 -8.97 1.24
C SER A 154 9.46 -8.99 1.24
N ASP A 155 10.79 -8.98 1.24
N ASP A 155 10.79 -9.01 1.22
CA ASP A 155 11.53 -8.69 0.01
CA ASP A 155 11.51 -8.76 -0.03
C ASP A 155 11.30 -9.82 -1.00
C ASP A 155 11.21 -9.86 -1.04
N ILE A 156 10.88 -9.47 -2.21
N ILE A 156 10.70 -9.51 -2.20
CA ILE A 156 10.37 -10.46 -3.12
CA ILE A 156 10.29 -10.51 -3.16
C ILE A 156 10.26 -9.86 -4.51
C ILE A 156 10.28 -9.86 -4.52
N ALA A 157 10.36 -10.69 -5.53
N ALA A 157 10.37 -10.68 -5.55
CA ALA A 157 10.15 -10.24 -6.91
CA ALA A 157 10.15 -10.21 -6.92
C ALA A 157 9.16 -11.17 -7.60
C ALA A 157 9.18 -11.18 -7.59
N VAL A 158 8.16 -10.60 -8.26
N VAL A 158 8.17 -10.64 -8.25
CA VAL A 158 7.14 -11.37 -8.93
CA VAL A 158 7.17 -11.46 -8.92
C VAL A 158 6.93 -10.82 -10.35
C VAL A 158 7.08 -10.97 -10.37
N GLU A 159 7.03 -11.69 -11.34
N GLU A 159 6.94 -11.89 -11.33
CA GLU A 159 6.99 -11.26 -12.75
CA GLU A 159 6.91 -11.55 -12.76
C GLU A 159 6.24 -12.28 -13.56
C GLU A 159 5.95 -12.46 -13.49
N TRP A 160 5.70 -11.86 -14.70
N TRP A 160 5.64 -12.12 -14.73
CA TRP A 160 5.01 -12.77 -15.59
CA TRP A 160 4.86 -12.99 -15.56
C TRP A 160 5.67 -12.85 -16.96
C TRP A 160 5.62 -13.30 -16.85
N GLU A 161 5.39 -13.96 -17.66
N GLU A 161 5.33 -14.39 -17.51
CA GLU A 161 5.87 -14.13 -19.03
CA GLU A 161 5.86 -14.53 -18.84
C GLU A 161 4.98 -15.14 -19.78
C GLU A 161 4.98 -15.47 -19.64
N SER A 162 5.14 -15.20 -21.09
N SER A 162 5.14 -15.46 -20.95
CA SER A 162 4.48 -16.20 -21.91
CA SER A 162 4.52 -16.47 -21.78
C SER A 162 5.41 -16.49 -23.10
C SER A 162 5.49 -16.85 -22.89
N ASN A 163 5.63 -17.76 -23.38
N ASN A 163 5.63 -18.14 -23.13
CA ASN A 163 6.54 -18.17 -24.46
CA ASN A 163 6.54 -18.64 -24.14
C ASN A 163 7.95 -17.59 -24.30
C ASN A 163 7.98 -18.16 -23.99
N GLY A 164 8.43 -17.54 -23.06
N GLY A 164 8.47 -18.18 -22.75
CA GLY A 164 9.78 -17.10 -22.73
CA GLY A 164 9.85 -17.89 -22.40
C GLY A 164 9.94 -15.58 -22.66
C GLY A 164 10.08 -16.42 -22.29
N GLN A 165 8.90 -14.87 -23.10
N GLN A 165 9.02 -15.70 -22.52
CA GLN A 165 8.98 -13.43 -23.26
CA GLN A 165 9.14 -14.27 -22.73
C GLN A 165 8.28 -12.76 -22.07
C GLN A 165 8.40 -13.47 -21.65
N PRO A 166 8.89 -11.70 -21.53
N PRO A 166 8.95 -12.33 -21.23
CA PRO A 166 8.25 -10.99 -20.43
CA PRO A 166 8.24 -11.51 -20.24
C PRO A 166 6.85 -10.55 -20.83
C PRO A 166 6.88 -11.04 -20.75
N GLU A 167 5.89 -10.81 -19.94
N GLU A 167 5.89 -11.05 -19.86
CA GLU A 167 4.53 -10.37 -20.14
CA GLU A 167 4.59 -10.42 -20.14
C GLU A 167 4.37 -9.37 -19.03
C GLU A 167 4.46 -9.37 -19.07
N ASN A 168 4.50 -8.09 -19.38
N ASN A 168 4.45 -8.10 -19.48
CA ASN A 168 4.77 -7.09 -18.39
CA ASN A 168 4.72 -7.06 -18.54
C ASN A 168 3.54 -6.26 -18.15
C ASN A 168 3.50 -6.22 -18.22
N ASN A 169 2.42 -6.74 -18.69
N ASN A 169 2.36 -6.59 -18.77
CA ASN A 169 1.18 -6.01 -18.56
CA ASN A 169 1.16 -5.79 -18.58
C ASN A 169 0.45 -6.33 -17.25
C ASN A 169 0.42 -6.13 -17.29
N TYR A 170 1.13 -6.03 -16.15
N TYR A 170 1.16 -6.12 -16.20
CA TYR A 170 0.70 -6.49 -14.84
CA TYR A 170 0.63 -6.57 -14.94
C TYR A 170 0.97 -5.49 -13.75
C TYR A 170 0.81 -5.48 -13.93
N LYS A 171 0.16 -5.55 -12.69
CA LYS A 171 0.43 -4.77 -11.49
C LYS A 171 0.45 -5.73 -10.31
N MET A 171 0.15 -5.62 -12.78
CA MET A 171 0.42 -4.80 -11.63
C MET A 171 0.48 -5.74 -10.44
N THR A 172 1.14 -5.31 -9.26
N THR A 172 1.39 -5.45 -9.52
CA THR A 172 1.24 -6.13 -8.05
CA THR A 172 1.52 -6.23 -8.29
C THR A 172 0.99 -5.31 -6.77
C THR A 172 1.30 -5.33 -7.08
N THR A 173 0.18 -5.86 -5.86
CA THR A 173 0.03 -5.22 -4.55
C THR A 173 1.41 -5.27 -3.85
N TRP A 173 0.45 -5.76 -6.14
CA TRP A 173 0.24 -4.94 -4.96
C TRP A 173 1.34 -5.20 -3.93
N PRO A 174 1.82 -4.17 -3.22
N PRO A 174 1.56 -4.23 -3.03
CA PRO A 174 2.94 -4.40 -2.31
CA PRO A 174 2.51 -4.36 -1.92
C PRO A 174 2.52 -5.42 -1.24
C PRO A 174 2.29 -5.62 -1.09
N PRO A 175 3.48 -6.20 -0.72
N PRO A 175 3.37 -6.15 -0.46
CA PRO A 175 3.17 -7.18 0.32
CA PRO A 175 3.13 -7.24 0.48
C PRO A 175 2.56 -6.53 1.56
C PRO A 175 2.13 -6.83 1.56
N VAL A 176 1.65 -7.24 2.21
N VAL A 176 1.18 -7.68 1.90
CA VAL A 176 1.03 -6.78 3.44
CA VAL A 176 0.33 -7.40 3.05
C VAL A 176 0.88 -7.95 4.42
C VAL A 176 0.66 -8.32 4.23
N LEU A 177 0.87 -7.69 5.73
N LEU A 177 0.90 -7.73 5.40
CA LEU A 177 0.87 -8.77 6.73
CA LEU A 177 1.12 -8.51 6.61
C LEU A 177 -0.45 -9.57 6.77
C LEU A 177 -0.17 -9.23 6.95
N ASP A 178 -0.34 -10.89 6.80
N ASP A 178 -0.10 -10.54 6.94
CA ASP A 178 -1.49 -11.77 6.88
CA ASP A 178 -1.26 -11.38 7.15
C ASP A 178 -1.73 -12.10 8.36
C ASP A 178 -1.42 -11.61 8.66
N SER A 179 -2.73 -12.93 8.64
N SER A 179 -2.50 -12.31 9.02
CA SER A 179 -3.17 -13.12 10.01
CA SER A 179 -2.86 -12.56 10.41
C SER A 179 -2.30 -14.10 10.80
C SER A 179 -1.85 -13.39 11.22
N ASP A 180 -1.29 -14.67 10.15
N ASP A 180 -1.03 -14.20 10.54
CA ASP A 180 -0.38 -15.62 10.78
CA ASP A 180 -0.01 -15.00 11.22
C ASP A 180 1.03 -15.05 10.86
C ASP A 180 1.36 -14.33 11.18
N GLY A 181 1.14 -13.74 10.65
N GLY A 181 1.37 -13.08 10.75
CA GLY A 181 2.42 -13.06 10.79
CA GLY A 181 2.61 -12.32 10.68
C GLY A 181 3.35 -13.13 9.61
C GLY A 181 3.50 -12.63 9.49
N SER A 182 2.92 -13.78 8.53
N SER A 182 3.03 -13.50 8.60
CA SER A 182 3.71 -13.77 7.30
CA SER A 182 3.72 -13.71 7.31
C SER A 182 3.19 -12.67 6.38
C SER A 182 3.06 -12.81 6.26
N PHE A 183 3.74 -12.60 5.17
N PHE A 183 3.75 -12.56 5.15
CA PHE A 183 3.25 -11.63 4.19
CA PHE A 183 3.23 -11.65 4.11
C PHE A 183 2.52 -12.32 3.08
C PHE A 183 2.51 -12.42 3.01
N ALA A 184 1.62 -11.58 2.44
CA ALA A 184 1.02 -12.04 1.19
C ALA A 184 0.92 -10.88 0.22
N PHE A 184 1.57 -11.75 2.34
CA PHE A 184 1.05 -12.25 1.06
C PHE A 184 0.98 -11.08 0.06
N LEU A 185 0.81 -11.22 -1.06
N LEU A 185 0.92 -11.40 -1.23
CA LEU A 185 0.57 -10.22 -2.07
CA LEU A 185 0.58 -10.38 -2.24
C LEU A 185 -0.11 -10.91 -3.24
C LEU A 185 -0.19 -11.02 -3.37
N VAL A 186 -0.66 -10.12 -4.15
CA VAL A 186 -1.34 -10.63 -5.34
C VAL A 186 -0.88 -9.82 -6.54
N TYR A 186 -0.76 -10.17 -4.20
CA TYR A 186 -1.32 -10.62 -5.47
C TYR A 186 -0.56 -9.88 -6.58
N SER A 187 -0.51 -10.52 -7.61
N SER A 187 -0.51 -10.52 -7.75
CA SER A 187 -0.15 -9.92 -8.88
CA SER A 187 -0.17 -9.88 -8.99
C SER A 187 -1.24 -10.21 -9.92
C SER A 187 -1.28 -10.20 -9.99
N LYS A 188 -1.60 -9.20 -10.68
N LYS A 188 -1.72 -9.21 -10.73
CA LYS A 188 -2.63 -9.31 -11.69
CA LYS A 188 -2.75 -9.38 -11.74
C LYS A 188 -2.02 -9.03 -13.06
C LYS A 188 -2.19 -9.12 -13.13
N LEU A 189 -2.07 -10.00 -13.96
N LEU A 189 -2.21 -10.14 -13.97
CA LEU A 189 -1.71 -9.77 -15.36
CA LEU A 189 -1.80 -9.97 -15.35
C LEU A 189 -2.99 -9.69 -16.20
C LEU A 189 -3.04 -9.84 -16.22
N THR A 190 -3.08 -8.67 -17.03
N THR A 190 -3.06 -8.80 -17.04
CA THR A 190 -4.21 -8.51 -17.93
CA THR A 190 -4.17 -8.54 -17.94
C THR A 190 -3.82 -9.08 -19.30
C THR A 190 -3.74 -8.87 -19.36
N VAL A 191 -4.66 -9.94 -19.85
N VAL A 191 -4.50 -9.73 -20.01
CA VAL A 191 -4.40 -10.54 -21.17
CA VAL A 191 -4.24 -10.07 -21.39
C VAL A 191 -5.65 -10.54 -22.06
C VAL A 191 -5.53 -9.96 -22.21
N ASP A 192 -5.44 -10.49 -23.37
N ASP A 192 -5.38 -9.65 -23.48
CA ASP A 192 -6.56 -10.57 -24.29
CA ASP A 192 -6.51 -9.70 -24.38
C ASP A 192 -7.31 -11.87 -24.08
C ASP A 192 -7.21 -11.05 -24.27
N LYS A 193 -8.64 -11.79 -23.96
N LYS A 193 -8.53 -11.05 -24.26
CA LYS A 193 -9.42 -13.01 -23.81
CA LYS A 193 -9.30 -12.29 -24.12
C LYS A 193 -9.05 -13.98 -24.93
C LYS A 193 -8.93 -13.35 -25.16
N SER A 194 -8.87 -13.46 -26.14
N SER A 194 -8.65 -12.92 -26.39
CA SER A 194 -8.49 -14.30 -27.26
CA SER A 194 -8.42 -13.91 -27.44
C SER A 194 -7.20 -15.06 -26.97
C SER A 194 -7.18 -14.78 -27.16
N ARG A 195 -6.17 -14.36 -26.51
N ARG A 195 -6.21 -14.25 -26.41
CA ARG A 195 -4.90 -15.02 -26.20
CA ARG A 195 -5.01 -15.04 -26.10
C ARG A 195 -5.18 -16.10 -25.19
C ARG A 195 -5.27 -16.15 -25.11
N TRP A 196 -5.94 -15.76 -24.15
N TRP A 196 -6.16 -15.91 -24.13
CA TRP A 196 -6.41 -16.77 -23.22
CA TRP A 196 -6.53 -16.95 -23.16
C TRP A 196 -7.19 -17.85 -23.98
C TRP A 196 -7.34 -18.10 -23.77
N GLN A 197 -7.99 -17.41 -24.94
N GLN A 197 -8.45 -17.78 -24.43
CA GLN A 197 -8.84 -18.34 -25.68
CA GLN A 197 -9.37 -18.82 -24.90
C GLN A 197 -8.01 -19.18 -26.63
C GLN A 197 -8.69 -19.75 -25.91
N GLN A 198 -6.94 -18.58 -27.14
N GLN A 198 -7.66 -19.24 -26.58
CA GLN A 198 -6.04 -19.27 -28.06
CA GLN A 198 -6.90 -20.04 -27.57
C GLN A 198 -5.26 -20.39 -27.38
C GLN A 198 -5.84 -20.96 -26.95
N GLY A 199 -5.42 -20.51 -26.06
N GLY A 199 -5.57 -20.80 -25.66
CA GLY A 199 -4.83 -21.63 -25.32
CA GLY A 199 -4.65 -21.70 -24.96
C GLY A 199 -3.43 -21.38 -24.80
C GLY A 199 -3.20 -21.28 -24.82
N ASN A 200 -2.93 -20.17 -25.01
N ASN A 200 -2.88 -20.01 -24.96
CA ASN A 200 -1.62 -19.79 -24.56
CA ASN A 200 -1.55 -19.54 -24.60
C ASN A 200 -1.41 -20.01 -23.07
C ASN A 200 -1.29 -19.86 -23.13
N VAL A 201 -0.18 -20.39 -22.72
N VAL A 201 -0.05 -20.23 -22.80
CA VAL A 201 0.18 -20.62 -21.34
CA VAL A 201 0.30 -20.59 -21.43
C VAL A 201 0.82 -19.36 -20.78
C VAL A 201 0.99 -19.42 -20.74
N PHE A 202 0.47 -19.05 -19.54
N PHE A 202 0.41 -19.00 -19.61
CA PHE A 202 1.04 -17.92 -18.84
CA PHE A 202 0.97 -17.86 -18.90
C PHE A 202 1.57 -18.41 -17.52
C PHE A 202 1.67 -18.30 -17.63
N SER A 203 2.74 -17.93 -17.11
N SER A 203 2.74 -17.64 -17.23
CA SER A 203 3.33 -18.40 -15.87
CA SER A 203 3.43 -18.13 -16.05
C SER A 203 3.67 -17.25 -14.96
C SER A 203 3.75 -17.03 -15.07
N CYS A 204 3.46 -17.46 -13.67
N CYS A 204 3.57 -17.31 -13.80
CA CYS A 204 3.85 -16.49 -12.67
CA CYS A 204 3.94 -16.40 -12.75
C CYS A 204 5.24 -16.89 -12.14
C CYS A 204 5.23 -16.90 -12.12
N SER A 205 6.19 -15.94 -12.14
N SER A 205 6.24 -16.05 -12.14
CA SER A 205 7.53 -16.18 -11.62
CA SER A 205 7.55 -16.37 -11.60
C SER A 205 7.71 -15.52 -10.28
C SER A 205 7.76 -15.58 -10.33
N VAL A 206 8.19 -16.29 -9.31
N VAL A 206 8.16 -16.29 -9.29
CA VAL A 206 8.37 -15.78 -7.95
CA VAL A 206 8.38 -15.70 -7.99
C VAL A 206 9.80 -16.03 -7.50
C VAL A 206 9.81 -15.96 -7.52
N MET A 207 10.46 -14.97 -7.04
N MET A 207 10.48 -14.93 -7.02
CA MET A 207 11.83 -15.08 -6.55
CA MET A 207 11.85 -15.07 -6.56
C MET A 207 11.85 -14.62 -5.11
C MET A 207 11.87 -14.62 -5.12
N HIS A 208 12.38 -15.45 -4.21
N HIS A 208 12.38 -15.48 -4.24
CA HIS A 208 12.40 -15.15 -2.77
CA HIS A 208 12.39 -15.20 -2.81
C HIS A 208 13.50 -15.98 -2.12
C HIS A 208 13.49 -16.01 -2.13
N GLU A 209 14.15 -15.42 -1.11
N GLU A 209 14.14 -15.43 -1.13
CA GLU A 209 15.28 -16.09 -0.46
CA GLU A 209 15.28 -16.06 -0.47
C GLU A 209 14.90 -17.48 0.11
C GLU A 209 14.95 -17.43 0.15
N ALA A 210 13.64 -17.65 0.50
N ALA A 210 13.68 -17.67 0.46
CA ALA A 210 13.20 -18.91 1.12
CA ALA A 210 13.29 -18.92 1.09
C ALA A 210 12.98 -20.05 0.13
C ALA A 210 12.69 -19.96 0.13
N LEU A 211 12.81 -19.71 -1.14
N LEU A 211 12.96 -19.78 -1.16
CA LEU A 211 12.57 -20.74 -2.13
CA LEU A 211 12.57 -20.77 -2.16
C LEU A 211 13.87 -21.45 -2.45
C LEU A 211 13.78 -21.57 -2.64
N HIS A 212 13.79 -22.74 -2.76
N HIS A 212 13.58 -22.86 -2.89
CA HIS A 212 14.93 -23.44 -3.26
CA HIS A 212 14.62 -23.67 -3.49
C HIS A 212 15.34 -22.83 -4.62
C HIS A 212 15.17 -22.94 -4.72
N ASN A 213 16.64 -22.70 -4.85
N ASN A 213 16.47 -22.68 -4.75
CA ASN A 213 17.13 -21.97 -6.03
CA ASN A 213 17.07 -21.94 -5.89
C ASN A 213 16.62 -20.51 -6.10
C ASN A 213 16.49 -20.54 -6.10
N HIS A 214 15.96 -20.06 -5.03
N HIS A 214 15.88 -19.98 -5.05
CA HIS A 214 15.38 -18.71 -4.99
CA HIS A 214 15.32 -18.62 -5.10
C HIS A 214 14.29 -18.48 -6.02
C HIS A 214 14.29 -18.38 -6.19
N TYR A 215 13.70 -19.54 -6.54
N TYR A 215 13.73 -19.45 -6.72
CA TYR A 215 12.85 -19.39 -7.72
CA TYR A 215 12.88 -19.30 -7.88
C TYR A 215 11.79 -20.45 -7.83
C TYR A 215 11.83 -20.38 -7.91
N THR A 216 10.57 -20.05 -8.18
N THR A 216 10.61 -20.01 -8.27
CA THR A 216 9.56 -21.02 -8.61
CA THR A 216 9.59 -20.98 -8.60
C THR A 216 8.62 -20.33 -9.58
C THR A 216 8.67 -20.37 -9.61
N GLN A 217 8.13 -21.10 -10.54
N GLN A 217 8.00 -21.21 -10.38
CA GLN A 217 7.20 -20.60 -11.54
CA GLN A 217 7.07 -20.75 -11.37
C GLN A 217 5.99 -21.51 -11.67
C GLN A 217 5.82 -21.60 -11.35
N LYS A 218 4.81 -20.90 -11.69
N LYS A 218 4.66 -20.97 -11.51
CA LYS A 218 3.57 -21.66 -11.77
CA LYS A 218 3.40 -21.66 -11.68
C LYS A 218 2.79 -21.18 -12.98
C LYS A 218 2.74 -21.13 -12.95
N SER A 219 2.15 -22.12 -13.68
N SER A 219 2.11 -22.03 -13.70
CA SER A 219 1.57 -21.82 -14.97
CA SER A 219 1.60 -21.72 -15.01
C SER A 219 0.07 -22.09 -15.00
C SER A 219 0.13 -22.00 -15.13
N LEU A 220 -0.60 -21.44 -15.92
N LEU A 220 -0.50 -21.36 -16.10
CA LEU A 220 -2.01 -21.76 -16.19
CA LEU A 220 -1.88 -21.73 -16.39
C LEU A 220 -2.39 -21.44 -17.63
C LEU A 220 -2.38 -21.38 -17.79
N SER A 221 -3.43 -22.12 -18.11
N SER A 221 -3.43 -22.08 -18.19
CA SER A 221 -3.89 -21.92 -19.48
CA SER A 221 -3.98 -21.91 -19.52
C SER A 221 -5.29 -22.47 -19.57
C SER A 221 -5.38 -22.46 -19.47
N LEU A 222 -5.94 -22.20 -20.69
N LEU A 222 -6.16 -22.15 -20.49
CA LEU A 222 -7.23 -22.79 -20.98
CA LEU A 222 -7.49 -22.71 -20.64
C LEU A 222 -7.08 -24.15 -21.66
C LEU A 222 -7.37 -24.22 -20.73
N SER A 223 -7.52 -25.21 -20.98
N SER A 223 -8.07 -24.93 -19.84
CA SER A 223 -7.50 -26.56 -21.55
CA SER A 223 -7.98 -26.39 -19.81
C SER A 223 -8.24 -26.63 -22.89
C SER A 223 -8.55 -27.07 -21.06
N PRO A 224 -7.65 -27.32 -23.88
N PRO A 224 -7.85 -28.10 -21.57
CA PRO A 224 -8.13 -27.34 -25.26
CA PRO A 224 -8.27 -28.82 -22.76
C PRO A 224 -9.66 -27.31 -25.34
C PRO A 224 -9.79 -28.94 -22.85
N GLY B 15 3.41 30.80 19.75
N GLY B 15 3.44 28.60 20.82
CA GLY B 15 2.87 29.48 20.20
CA GLY B 15 3.02 27.18 20.72
C GLY B 15 1.80 28.94 19.28
C GLY B 15 1.52 26.95 20.84
N GLY B 16 0.62 28.68 19.84
N GLY B 16 0.73 27.90 20.35
CA GLY B 16 -0.54 28.25 19.06
CA GLY B 16 -0.73 27.85 20.44
C GLY B 16 -0.97 26.80 19.24
C GLY B 16 -1.31 26.53 19.97
N PRO B 17 -2.24 26.58 19.57
N PRO B 17 -2.64 26.48 19.77
CA PRO B 17 -2.87 25.26 19.43
CA PRO B 17 -3.34 25.24 19.40
C PRO B 17 -3.00 24.93 17.94
C PRO B 17 -2.96 24.72 18.01
N SER B 18 -3.13 23.66 17.61
N SER B 18 -3.24 23.44 17.78
CA SER B 18 -3.23 23.21 16.23
CA SER B 18 -3.15 22.82 16.44
C SER B 18 -4.52 22.44 15.98
C SER B 18 -4.48 22.17 16.11
N VAL B 19 -5.02 22.51 14.75
N VAL B 19 -4.75 22.04 14.81
CA VAL B 19 -6.24 21.82 14.37
CA VAL B 19 -6.09 21.65 14.36
C VAL B 19 -5.99 20.76 13.29
C VAL B 19 -5.95 20.48 13.37
N PHE B 20 -6.71 19.65 13.41
N PHE B 20 -6.73 19.43 13.59
CA PHE B 20 -6.69 18.60 12.39
CA PHE B 20 -6.75 18.27 12.68
C PHE B 20 -8.13 18.23 12.05
C PHE B 20 -8.17 17.99 12.23
N LEU B 21 -8.42 18.15 10.75
N LEU B 21 -8.36 17.86 10.92
CA LEU B 21 -9.80 17.98 10.30
CA LEU B 21 -9.70 17.73 10.36
C LEU B 21 -9.88 16.67 9.55
C LEU B 21 -9.75 16.38 9.69
N PHE B 22 -10.73 15.78 10.03
N PHE B 22 -10.74 15.58 10.08
CA PHE B 22 -10.81 14.42 9.51
CA PHE B 22 -10.87 14.19 9.64
C PHE B 22 -12.10 14.22 8.72
C PHE B 22 -12.15 14.00 8.83
N PRO B 23 -12.03 13.45 7.61
N PRO B 23 -12.05 13.22 7.75
CA PRO B 23 -13.25 13.20 6.85
CA PRO B 23 -13.19 12.98 6.89
C PRO B 23 -14.03 12.00 7.39
C PRO B 23 -14.13 11.88 7.43
N PRO B 24 -15.25 11.76 6.85
N PRO B 24 -15.31 11.73 6.84
CA PRO B 24 -16.08 10.62 7.21
CA PRO B 24 -16.16 10.61 7.20
C PRO B 24 -15.48 9.37 6.61
C PRO B 24 -15.52 9.35 6.64
N LYS B 25 -15.83 8.22 7.16
N LYS B 25 -15.91 8.20 7.18
CA LYS B 25 -15.45 6.94 6.58
CA LYS B 25 -15.50 6.92 6.61
C LYS B 25 -16.22 6.73 5.29
C LYS B 25 -16.25 6.69 5.31
N PRO B 26 -15.55 6.29 4.22
N PRO B 26 -15.57 6.18 4.27
CA PRO B 26 -16.33 6.07 3.00
CA PRO B 26 -16.31 5.94 3.04
C PRO B 26 -17.61 5.26 3.19
C PRO B 26 -17.62 5.17 3.21
N LYS B 27 -17.54 4.16 3.92
N LYS B 27 -17.63 4.07 3.95
CA LYS B 27 -18.74 3.34 4.11
CA LYS B 27 -18.86 3.30 4.06
C LYS B 27 -19.90 4.16 4.66
C LYS B 27 -19.99 4.13 4.65
N ASP B 28 -19.58 5.07 5.58
N ASP B 28 -19.64 5.05 5.53
CA ASP B 28 -20.63 5.87 6.20
CA ASP B 28 -20.66 5.91 6.15
C ASP B 28 -21.26 6.84 5.19
C ASP B 28 -21.32 6.85 5.14
N THR B 29 -20.49 7.27 4.20
N THR B 29 -20.54 7.30 4.17
CA THR B 29 -21.03 8.18 3.19
CA THR B 29 -21.08 8.21 3.16
C THR B 29 -21.84 7.44 2.13
C THR B 29 -21.89 7.46 2.11
N LEU B 30 -21.64 6.12 2.03
N LEU B 30 -21.66 6.16 2.01
CA LEU B 30 -22.27 5.31 0.99
CA LEU B 30 -22.27 5.35 0.95
C LEU B 30 -23.56 4.62 1.38
C LEU B 30 -23.58 4.67 1.31
N MET B 31 -23.64 4.17 2.64
N MET B 31 -23.70 4.28 2.58
CA MET B 31 -24.83 3.47 3.14
CA MET B 31 -24.85 3.50 3.01
C MET B 31 -25.70 4.47 3.90
C MET B 31 -25.76 4.42 3.84
N ILE B 32 -26.94 4.65 3.43
N ILE B 32 -26.98 4.61 3.37
CA ILE B 32 -27.87 5.63 3.98
CA ILE B 32 -27.89 5.63 3.91
C ILE B 32 -28.16 5.37 5.49
C ILE B 32 -28.29 5.32 5.38
N SER B 33 -28.06 4.11 5.91
N SER B 33 -28.09 4.08 5.80
CA SER B 33 -28.29 3.71 7.31
CA SER B 33 -28.36 3.70 7.20
C SER B 33 -27.19 4.20 8.24
C SER B 33 -27.39 4.35 8.16
N ARG B 34 -26.08 4.61 7.65
N ARG B 34 -26.18 4.61 7.69
CA ARG B 34 -24.94 5.05 8.46
CA ARG B 34 -25.12 5.17 8.54
C ARG B 34 -24.84 6.56 8.60
C ARG B 34 -25.12 6.70 8.56
N THR B 35 -24.07 6.99 9.61
N THR B 35 -24.40 7.29 9.52
CA THR B 35 -23.91 8.40 9.87
CA THR B 35 -24.36 8.74 9.62
C THR B 35 -22.49 8.89 9.57
C THR B 35 -22.94 9.27 9.51
N PRO B 36 -22.32 9.60 8.45
N PRO B 36 -22.56 9.73 8.30
CA PRO B 36 -21.01 10.14 8.12
CA PRO B 36 -21.23 10.28 8.11
C PRO B 36 -20.69 11.46 8.87
C PRO B 36 -21.00 11.60 8.86
N GLU B 37 -19.47 11.57 9.39
N GLU B 37 -19.78 11.81 9.35
CA GLU B 37 -19.13 12.73 10.22
CA GLU B 37 -19.42 13.03 10.11
C GLU B 37 -17.81 13.35 9.82
C GLU B 37 -18.01 13.48 9.74
N VAL B 38 -17.76 14.69 9.85
N VAL B 38 -17.76 14.78 9.79
CA VAL B 38 -16.53 15.43 9.71
CA VAL B 38 -16.40 15.28 9.72
C VAL B 38 -16.16 15.90 11.11
C VAL B 38 -16.06 15.74 11.13
N THR B 39 -14.91 15.65 11.49
N THR B 39 -14.82 15.50 11.53
CA THR B 39 -14.47 15.83 12.89
CA THR B 39 -14.40 15.71 12.93
C THR B 39 -13.29 16.78 12.97
C THR B 39 -13.31 16.72 12.99
N CYS B 40 -13.47 17.87 13.72
N CYS B 40 -13.54 17.82 13.70
CA CYS B 40 -12.43 18.89 13.84
CA CYS B 40 -12.52 18.87 13.80
C CYS B 40 -11.82 18.75 15.23
C CYS B 40 -11.95 18.86 15.21
N VAL B 41 -10.51 18.50 15.29
N VAL B 41 -10.66 18.59 15.31
CA VAL B 41 -9.84 18.15 16.56
CA VAL B 41 -9.97 18.34 16.59
C VAL B 41 -8.76 19.19 16.86
C VAL B 41 -8.99 19.46 16.84
N VAL B 42 -8.98 19.97 17.92
N VAL B 42 -8.93 19.95 18.08
CA VAL B 42 -8.03 21.00 18.33
CA VAL B 42 -7.99 21.01 18.44
C VAL B 42 -7.29 20.49 19.57
C VAL B 42 -7.12 20.45 19.56
N VAL B 43 -5.97 20.46 19.49
N VAL B 43 -5.81 20.60 19.43
CA VAL B 43 -5.12 19.97 20.58
CA VAL B 43 -4.90 20.14 20.48
C VAL B 43 -4.23 21.13 21.05
C VAL B 43 -3.94 21.27 20.83
N ASP B 44 -3.34 20.84 22.00
N ASP B 44 -3.29 21.16 21.98
CA ASP B 44 -2.33 21.80 22.47
CA ASP B 44 -2.45 22.24 22.51
C ASP B 44 -2.91 23.17 22.86
C ASP B 44 -3.30 23.43 22.95
N VAL B 45 -4.16 23.20 23.28
N VAL B 45 -4.47 23.16 23.54
CA VAL B 45 -4.74 24.40 23.87
CA VAL B 45 -5.30 24.21 24.12
C VAL B 45 -4.21 24.50 25.32
C VAL B 45 -4.78 24.50 25.54
N SER B 46 -4.06 25.71 25.83
N SER B 46 -4.29 25.73 25.73
CA SER B 46 -3.52 25.90 27.19
CA SER B 46 -3.61 26.09 26.97
C SER B 46 -4.57 26.23 28.26
C SER B 46 -4.53 26.28 28.15
N HIS B 47 -4.19 26.14 29.55
N HIS B 47 -3.92 26.32 29.35
CA HIS B 47 -5.09 26.45 30.68
CA HIS B 47 -4.60 26.79 30.54
C HIS B 47 -5.42 27.95 30.75
C HIS B 47 -4.72 28.31 30.44
N GLU B 48 -4.50 28.78 30.27
N GLU B 48 -3.67 28.95 29.93
CA GLU B 48 -4.62 30.23 30.36
CA GLU B 48 -3.64 30.41 29.75
C GLU B 48 -5.63 30.80 29.36
C GLU B 48 -4.68 30.91 28.77
N ASP B 49 -5.75 30.13 28.22
N ASP B 49 -5.07 30.11 27.82
CA ASP B 49 -6.67 30.58 27.17
CA ASP B 49 -6.13 30.49 26.89
C ASP B 49 -7.44 29.37 26.67
C ASP B 49 -6.95 29.26 26.51
N PRO B 50 -8.47 29.00 27.44
N PRO B 50 -7.72 28.83 27.34
CA PRO B 50 -9.11 27.70 27.20
CA PRO B 50 -8.40 27.53 27.28
C PRO B 50 -10.36 27.74 26.31
C PRO B 50 -9.69 27.50 26.47
N GLU B 51 -10.96 28.91 26.14
N GLU B 51 -10.20 28.67 26.10
CA GLU B 51 -12.13 29.03 25.29
CA GLU B 51 -11.46 28.76 25.36
C GLU B 51 -11.79 28.68 23.84
C GLU B 51 -11.20 28.56 23.86
N VAL B 52 -12.52 27.73 23.29
N VAL B 52 -12.13 27.88 23.18
CA VAL B 52 -12.41 27.40 21.88
CA VAL B 52 -12.02 27.63 21.75
C VAL B 52 -13.78 27.54 21.27
C VAL B 52 -13.37 27.85 21.06
N LYS B 53 -13.87 28.29 20.18
N LYS B 53 -13.38 28.63 19.99
CA LYS B 53 -15.10 28.40 19.42
CA LYS B 53 -14.62 28.78 19.24
C LYS B 53 -14.91 27.90 17.99
C LYS B 53 -14.51 27.94 17.97
N PHE B 54 -15.87 27.11 17.52
N PHE B 54 -15.59 27.24 17.61
CA PHE B 54 -15.84 26.63 16.14
CA PHE B 54 -15.72 26.57 16.32
C PHE B 54 -16.80 27.40 15.25
C PHE B 54 -16.82 27.23 15.51
N ASN B 55 -16.37 27.68 14.03
N ASN B 55 -16.54 27.54 14.25
CA ASN B 55 -17.29 28.07 12.99
CA ASN B 55 -17.58 27.76 13.26
C ASN B 55 -17.14 27.11 11.80
C ASN B 55 -17.44 26.66 12.19
N TRP B 56 -18.26 26.58 11.36
N TRP B 56 -18.56 26.25 11.61
CA TRP B 56 -18.26 25.55 10.33
CA TRP B 56 -18.59 25.25 10.54
C TRP B 56 -18.94 26.09 9.09
C TRP B 56 -19.28 25.84 9.30
N TYR B 57 -18.37 25.80 7.93
N TYR B 57 -18.76 25.52 8.11
CA TYR B 57 -18.88 26.29 6.68
CA TYR B 57 -19.36 26.03 6.87
C TYR B 57 -18.96 25.10 5.73
C TYR B 57 -19.38 24.94 5.80
N VAL B 58 -20.01 25.05 4.93
N VAL B 58 -20.36 25.04 4.91
CA VAL B 58 -20.11 24.02 3.90
CA VAL B 58 -20.49 24.11 3.81
C VAL B 58 -20.32 24.78 2.60
C VAL B 58 -20.43 24.96 2.54
N ASP B 59 -19.34 24.70 1.72
N ASP B 59 -19.42 24.74 1.71
CA ASP B 59 -19.30 25.59 0.57
CA ASP B 59 -19.24 25.59 0.53
C ASP B 59 -19.61 27.02 1.03
C ASP B 59 -19.20 27.08 0.91
N GLY B 60 -18.96 27.43 2.10
N GLY B 60 -18.64 27.37 2.08
CA GLY B 60 -18.97 28.83 2.54
CA GLY B 60 -18.46 28.75 2.53
C GLY B 60 -20.19 29.29 3.32
C GLY B 60 -19.70 29.32 3.19
N VAL B 61 -21.20 28.46 3.35
N VAL B 61 -20.80 28.57 3.16
CA VAL B 61 -22.35 28.85 4.09
CA VAL B 61 -21.99 28.94 3.91
C VAL B 61 -22.20 28.28 5.47
C VAL B 61 -21.89 28.42 5.33
N GLU B 62 -22.22 29.15 6.47
N GLU B 62 -21.77 29.33 6.30
CA GLU B 62 -22.07 28.70 7.83
CA GLU B 62 -21.75 28.88 7.68
C GLU B 62 -23.22 27.79 8.17
C GLU B 62 -22.94 28.00 8.02
N VAL B 63 -22.92 26.75 8.91
N VAL B 63 -22.72 26.98 8.84
CA VAL B 63 -23.92 25.83 9.40
CA VAL B 63 -23.76 26.05 9.26
C VAL B 63 -23.79 25.72 10.90
C VAL B 63 -23.75 25.87 10.79
N HIS B 64 -24.89 25.45 11.56
N HIS B 64 -24.93 25.61 11.36
CA HIS B 64 -25.01 25.62 12.98
CA HIS B 64 -25.15 25.81 12.81
C HIS B 64 -25.24 24.39 13.78
C HIS B 64 -25.26 24.53 13.61
N ASN B 65 -25.24 23.23 13.16
N ASN B 65 -25.31 23.39 12.94
CA ASN B 65 -25.67 22.00 13.82
CA ASN B 65 -25.71 22.14 13.59
C ASN B 65 -24.63 21.03 14.37
C ASN B 65 -24.61 21.27 14.22
N ALA B 66 -23.38 21.43 14.43
N ALA B 66 -23.36 21.70 14.16
CA ALA B 66 -22.30 20.58 14.93
CA ALA B 66 -22.28 20.89 14.74
C ALA B 66 -22.46 20.25 16.42
C ALA B 66 -22.49 20.66 16.24
N LYS B 67 -21.88 19.14 16.88
N LYS B 67 -21.97 19.53 16.72
CA LYS B 67 -21.87 18.78 18.29
CA LYS B 67 -22.07 19.17 18.13
C LYS B 67 -20.46 18.97 18.83
C LYS B 67 -20.69 19.16 18.75
N THR B 68 -20.33 19.83 19.82
N THR B 68 -20.37 20.23 19.47
CA THR B 68 -19.02 20.04 20.39
CA THR B 68 -19.06 20.37 20.07
C THR B 68 -18.89 19.34 21.74
C THR B 68 -19.06 19.90 21.53
N LYS B 69 -17.74 18.76 22.00
N LYS B 69 -18.16 19.00 21.87
CA LYS B 69 -17.54 18.04 23.25
CA LYS B 69 -18.07 18.47 23.25
C LYS B 69 -16.80 18.94 24.23
C LYS B 69 -17.33 19.45 24.13
N PRO B 70 -17.09 18.80 25.54
N PRO B 70 -17.43 19.30 25.46
CA PRO B 70 -16.32 19.50 26.56
CA PRO B 70 -16.60 20.09 26.36
C PRO B 70 -14.81 19.29 26.39
C PRO B 70 -15.12 19.65 26.33
N ARG B 71 -14.00 20.32 26.63
N ARG B 71 -14.22 20.60 26.53
CA ARG B 71 -12.56 20.13 26.60
CA ARG B 71 -12.78 20.32 26.51
C ARG B 71 -12.16 19.02 27.58
C ARG B 71 -12.37 19.18 27.43
N GLU B 72 -11.09 18.30 27.27
N GLU B 72 -11.32 18.47 27.04
CA GLU B 72 -10.60 17.22 28.14
CA GLU B 72 -10.74 17.38 27.84
C GLU B 72 -9.09 17.29 28.32
C GLU B 72 -9.29 17.66 28.13
N GLU B 73 -8.61 17.16 29.55
N GLU B 73 -8.94 17.92 29.39
CA GLU B 73 -7.19 17.42 29.79
CA GLU B 73 -7.54 18.05 29.71
C GLU B 73 -6.32 16.24 29.39
C GLU B 73 -6.84 16.71 29.48
N GLN B 74 -5.27 16.53 28.64
N GLN B 74 -5.64 16.76 28.91
CA GLN B 74 -4.31 15.51 28.23
CA GLN B 74 -4.86 15.55 28.61
C GLN B 74 -3.17 15.45 29.24
C GLN B 74 -3.81 15.30 29.69
N TYR B 75 -2.41 14.37 29.20
N TYR B 75 -3.27 14.09 29.72
CA TYR B 75 -1.37 14.15 30.20
CA TYR B 75 -2.25 13.73 30.70
C TYR B 75 -0.14 15.05 30.00
C TYR B 75 -1.08 14.72 30.67
N ASN B 76 -0.25 15.94 29.05
N ASN B 76 -0.97 15.50 29.60
CA ASN B 76 0.76 16.93 28.82
CA ASN B 76 0.15 16.44 29.42
C ASN B 76 0.28 18.28 29.35
C ASN B 76 -0.17 17.92 29.65
N SER B 77 -0.74 18.21 30.18
N SER B 77 -1.32 18.20 30.28
CA SER B 77 -1.49 19.35 30.71
CA SER B 77 -1.62 19.57 30.71
C SER B 77 -1.91 20.36 29.63
C SER B 77 -2.29 20.51 29.71
N THR B 78 -2.55 19.85 28.58
N THR B 78 -2.10 20.27 28.41
CA THR B 78 -3.18 20.69 27.56
CA THR B 78 -2.91 20.97 27.41
C THR B 78 -4.65 20.27 27.35
C THR B 78 -4.19 20.15 27.27
N TYR B 79 -5.44 21.12 26.69
N TYR B 79 -5.29 20.78 26.86
CA TYR B 79 -6.83 20.74 26.40
CA TYR B 79 -6.51 20.01 26.62
C TYR B 79 -6.98 20.19 24.99
C TYR B 79 -6.74 19.83 25.14
N ARG B 80 -7.78 19.13 24.89
N ARG B 80 -7.78 19.06 24.86
CA ARG B 80 -8.23 18.59 23.60
CA ARG B 80 -8.16 18.69 23.50
C ARG B 80 -9.71 18.92 23.47
C ARG B 80 -9.67 18.80 23.46
N VAL B 81 -10.07 19.47 22.30
N VAL B 81 -10.18 19.48 22.42
CA VAL B 81 -11.43 19.90 22.10
CA VAL B 81 -11.61 19.66 22.24
C VAL B 81 -11.89 19.51 20.70
C VAL B 81 -11.97 19.22 20.82
N VAL B 82 -12.89 18.62 20.66
N VAL B 82 -13.23 18.83 20.66
CA VAL B 82 -13.37 18.00 19.41
CA VAL B 82 -13.70 18.20 19.41
C VAL B 82 -14.80 18.40 19.08
C VAL B 82 -15.02 18.82 19.01
N SER B 83 -15.00 18.85 17.84
N SER B 83 -15.16 19.09 17.71
CA SER B 83 -16.29 19.26 17.30
CA SER B 83 -16.49 19.36 17.21
C SER B 83 -16.65 18.31 16.14
C SER B 83 -16.78 18.42 16.06
N VAL B 84 -17.84 17.73 16.21
N VAL B 84 -18.03 17.99 15.97
CA VAL B 84 -18.29 16.73 15.21
CA VAL B 84 -18.42 17.01 14.99
C VAL B 84 -19.45 17.27 14.38
C VAL B 84 -19.58 17.58 14.20
N LEU B 85 -19.25 17.36 13.07
N LEU B 85 -19.49 17.46 12.88
CA LEU B 85 -20.28 17.85 12.15
CA LEU B 85 -20.57 17.89 12.04
C LEU B 85 -20.83 16.69 11.33
C LEU B 85 -21.09 16.69 11.30
N THR B 86 -22.12 16.43 11.48
N THR B 86 -22.39 16.44 11.42
CA THR B 86 -22.81 15.40 10.71
CA THR B 86 -23.00 15.37 10.65
C THR B 86 -22.92 15.92 9.29
C THR B 86 -23.16 15.91 9.24
N VAL B 87 -22.54 15.10 8.31
N VAL B 87 -22.74 15.11 8.26
CA VAL B 87 -22.70 15.49 6.91
CA VAL B 87 -22.88 15.54 6.88
C VAL B 87 -23.83 14.70 6.24
C VAL B 87 -23.97 14.74 6.16
N LEU B 88 -24.48 15.31 5.26
N LEU B 88 -24.59 15.35 5.17
CA LEU B 88 -25.49 14.62 4.48
CA LEU B 88 -25.59 14.66 4.37
C LEU B 88 -24.74 13.79 3.44
C LEU B 88 -24.83 13.81 3.35
N HIS B 89 -25.12 12.53 3.29
N HIS B 89 -25.20 12.55 3.23
CA HIS B 89 -24.39 11.65 2.38
CA HIS B 89 -24.49 11.65 2.31
C HIS B 89 -24.17 12.29 1.01
C HIS B 89 -24.27 12.30 0.95
N GLN B 90 -25.24 12.84 0.44
N GLN B 90 -25.36 12.82 0.38
CA GLN B 90 -25.14 13.30 -0.92
CA GLN B 90 -25.31 13.32 -0.96
C GLN B 90 -24.37 14.61 -1.04
C GLN B 90 -24.41 14.54 -1.05
N ASP B 91 -24.31 15.39 0.03
N ASP B 91 -24.36 15.34 0.01
CA ASP B 91 -23.47 16.59 0.01
CA ASP B 91 -23.51 16.53 -0.01
C ASP B 91 -22.03 16.15 -0.17
C ASP B 91 -22.04 16.13 -0.11
N TRP B 92 -21.63 15.15 0.60
N TRP B 92 -21.63 15.12 0.65
CA TRP B 92 -20.25 14.69 0.57
CA TRP B 92 -20.25 14.68 0.60
C TRP B 92 -19.97 14.12 -0.83
C TRP B 92 -19.98 14.11 -0.80
N LEU B 93 -20.88 13.28 -1.29
N LEU B 93 -20.88 13.28 -1.29
CA LEU B 93 -20.69 12.65 -2.60
CA LEU B 93 -20.70 12.66 -2.59
C LEU B 93 -20.71 13.65 -3.75
C LEU B 93 -20.70 13.69 -3.72
N ASN B 94 -21.40 14.77 -3.54
N ASN B 94 -21.42 14.79 -3.51
CA ASN B 94 -21.45 15.85 -4.51
CA ASN B 94 -21.49 15.85 -4.51
C ASN B 94 -20.28 16.83 -4.46
C ASN B 94 -20.34 16.83 -4.46
N GLY B 95 -19.32 16.55 -3.58
N GLY B 95 -19.37 16.58 -3.60
CA GLY B 95 -18.08 17.30 -3.54
CA GLY B 95 -18.13 17.32 -3.57
C GLY B 95 -18.12 18.60 -2.74
C GLY B 95 -18.17 18.63 -2.80
N LYS B 96 -19.09 18.72 -1.84
N LYS B 96 -19.14 18.78 -1.91
CA LYS B 96 -19.12 19.91 -0.99
CA LYS B 96 -19.19 20.00 -1.10
C LYS B 96 -17.86 20.02 -0.14
C LYS B 96 -17.99 20.07 -0.16
N GLU B 97 -17.49 21.26 0.17
N GLU B 97 -17.49 21.29 0.05
CA GLU B 97 -16.27 21.55 0.90
CA GLU B 97 -16.31 21.53 0.90
C GLU B 97 -16.62 21.95 2.33
C GLU B 97 -16.77 21.81 2.33
N TYR B 98 -16.10 21.21 3.31
N TYR B 98 -16.07 21.23 3.30
CA TYR B 98 -16.39 21.44 4.71
CA TYR B 98 -16.38 21.41 4.72
C TYR B 98 -15.21 22.16 5.35
C TYR B 98 -15.24 22.17 5.38
N LYS B 99 -15.46 23.35 5.89
N LYS B 99 -15.55 23.33 5.95
CA LYS B 99 -14.41 24.11 6.57
CA LYS B 99 -14.55 24.18 6.57
C LYS B 99 -14.74 24.24 8.03
C LYS B 99 -14.72 24.21 8.07
N CYS B 100 -13.76 23.91 8.86
N CYS B 100 -13.66 23.92 8.80
CA CYS B 100 -13.85 24.13 10.28
CA CYS B 100 -13.64 24.12 10.24
C CYS B 100 -12.92 25.30 10.60
C CYS B 100 -12.79 25.34 10.54
N LYS B 101 -13.45 26.27 11.33
N LYS B 101 -13.39 26.36 11.12
CA LYS B 101 -12.66 27.42 11.76
CA LYS B 101 -12.64 27.53 11.56
C LYS B 101 -12.59 27.37 13.28
C LYS B 101 -12.56 27.51 13.08
N VAL B 102 -11.38 27.54 13.82
N VAL B 102 -11.35 27.61 13.62
CA VAL B 102 -11.16 27.44 15.26
CA VAL B 102 -11.12 27.53 15.05
C VAL B 102 -10.39 28.65 15.75
C VAL B 102 -10.48 28.80 15.60
N SER B 103 -10.98 29.36 16.70
N SER B 103 -11.09 29.33 16.64
CA SER B 103 -10.38 30.56 17.26
CA SER B 103 -10.64 30.57 17.28
C SER B 103 -9.89 30.22 18.66
C SER B 103 -10.22 30.28 18.70
N ASN B 104 -8.79 30.82 19.06
N ASN B 104 -9.09 30.83 19.08
CA ASN B 104 -8.23 30.64 20.40
CA ASN B 104 -8.57 30.74 20.43
C ASN B 104 -7.29 31.82 20.65
C ASN B 104 -7.75 32.00 20.69
N LYS B 105 -7.15 32.22 21.91
N LYS B 105 -7.74 32.46 21.94
CA LYS B 105 -6.43 33.47 22.18
CA LYS B 105 -7.07 33.73 22.28
C LYS B 105 -4.91 33.35 22.00
C LYS B 105 -5.56 33.70 22.08
N ALA B 106 -4.38 32.14 22.09
N ALA B 106 -4.99 32.52 22.15
CA ALA B 106 -2.97 31.89 21.80
CA ALA B 106 -3.58 32.31 21.97
C ALA B 106 -2.63 31.80 20.30
C ALA B 106 -3.18 32.31 20.48
N LEU B 107 -3.61 32.08 19.45
N LEU B 107 -4.16 32.47 19.61
CA LEU B 107 -3.39 32.13 18.01
CA LEU B 107 -3.93 32.64 18.19
C LEU B 107 -3.27 33.56 17.50
C LEU B 107 -4.14 34.09 17.75
N PRO B 108 -2.42 33.78 16.49
N PRO B 108 -3.14 34.62 17.06
CA PRO B 108 -2.34 35.10 15.86
CA PRO B 108 -3.16 35.90 16.39
C PRO B 108 -3.64 35.43 15.13
C PRO B 108 -4.28 35.94 15.36
N ALA B 109 -4.53 34.44 15.04
N ALA B 109 -4.53 34.78 14.73
CA ALA B 109 -5.82 34.59 14.35
CA ALA B 109 -5.54 34.66 13.68
C ALA B 109 -6.43 33.20 14.16
C ALA B 109 -6.13 33.25 13.70
N PRO B 110 -7.71 33.14 13.76
N PRO B 110 -7.44 33.13 13.43
CA PRO B 110 -8.29 31.82 13.61
CA PRO B 110 -8.15 31.88 13.54
C PRO B 110 -7.49 30.89 12.68
C PRO B 110 -7.70 30.90 12.47
N ILE B 111 -7.66 29.60 12.89
N ILE B 111 -7.50 29.65 12.88
CA ILE B 111 -7.10 28.60 12.00
CA ILE B 111 -6.99 28.59 12.01
C ILE B 111 -8.26 28.07 11.17
C ILE B 111 -8.12 27.87 11.30
N GLU B 112 -8.05 27.97 9.86
N GLU B 112 -8.01 27.77 9.98
CA GLU B 112 -9.06 27.33 9.01
CA GLU B 112 -9.04 27.11 9.17
C GLU B 112 -8.54 26.04 8.38
C GLU B 112 -8.47 25.92 8.39
N LYS B 113 -9.44 25.09 8.19
N LYS B 113 -9.09 24.76 8.58
CA LYS B 113 -9.13 23.81 7.54
CA LYS B 113 -8.82 23.56 7.77
C LYS B 113 -10.36 23.41 6.76
C LYS B 113 -10.02 23.28 6.88
N THR B 114 -10.16 22.98 5.52
N THR B 114 -9.78 22.77 5.68
CA THR B 114 -11.27 22.57 4.67
CA THR B 114 -10.88 22.43 4.77
C THR B 114 -10.90 21.22 4.08
C THR B 114 -10.77 20.98 4.33
N ILE B 115 -11.86 20.30 4.04
N ILE B 115 -11.91 20.36 4.05
CA ILE B 115 -11.65 18.99 3.43
CA ILE B 115 -11.88 18.98 3.56
C ILE B 115 -12.82 18.74 2.51
C ILE B 115 -13.02 18.66 2.63
N SER B 116 -12.64 17.84 1.55
N SER B 116 -12.79 17.69 1.75
CA SER B 116 -13.72 17.44 0.67
CA SER B 116 -13.80 17.31 0.79
C SER B 116 -13.34 16.10 0.05
C SER B 116 -13.44 15.96 0.18
N LYS B 117 -14.29 15.49 -0.64
N LYS B 117 -14.38 15.43 -0.58
CA LYS B 117 -14.10 14.17 -1.20
CA LYS B 117 -14.21 14.12 -1.17
C LYS B 117 -13.02 14.19 -2.28
C LYS B 117 -13.22 14.22 -2.32
N ALA B 118 -12.35 13.07 -2.48
N ALA B 118 -12.35 13.21 -2.44
CA ALA B 118 -11.44 12.94 -3.62
CA ALA B 118 -11.44 13.12 -3.58
C ALA B 118 -12.11 13.37 -4.92
C ALA B 118 -12.16 13.41 -4.89
N LYS B 119 -11.36 14.07 -5.76
N LYS B 119 -11.52 14.19 -5.75
CA LYS B 119 -11.88 14.54 -7.07
CA LYS B 119 -12.11 14.55 -7.05
C LYS B 119 -11.75 13.46 -8.16
C LYS B 119 -11.60 13.64 -8.18
N GLY B 120 -12.33 13.75 -9.34
N GLY B 120 -12.30 13.71 -9.32
CA GLY B 120 -12.17 12.87 -10.52
CA GLY B 120 -12.02 12.85 -10.46
C GLY B 120 -13.46 12.17 -10.94
C GLY B 120 -13.30 12.12 -10.87
N GLN B 121 -13.65 11.92 -12.24
N GLN B 121 -13.46 11.81 -12.15
CA GLN B 121 -14.85 11.22 -12.69
CA GLN B 121 -14.71 11.23 -12.62
C GLN B 121 -14.89 9.82 -12.07
C GLN B 121 -14.90 9.80 -12.09
N PRO B 122 -16.00 9.50 -11.40
N PRO B 122 -16.08 9.49 -11.55
CA PRO B 122 -16.12 8.17 -10.85
CA PRO B 122 -16.29 8.16 -10.99
C PRO B 122 -16.24 7.09 -11.94
C PRO B 122 -16.26 7.09 -12.07
N ARG B 123 -15.70 5.90 -11.66
N ARG B 123 -15.77 5.91 -11.72
CA ARG B 123 -15.76 4.79 -12.57
CA ARG B 123 -15.88 4.77 -12.61
C ARG B 123 -16.25 3.59 -11.77
C ARG B 123 -16.35 3.61 -11.77
N GLU B 124 -17.08 2.77 -12.38
N GLU B 124 -17.27 2.86 -12.35
CA GLU B 124 -17.76 1.66 -11.69
CA GLU B 124 -17.90 1.73 -11.68
C GLU B 124 -16.84 0.44 -11.36
C GLU B 124 -16.99 0.51 -11.72
N PRO B 125 -16.79 0.01 -10.10
N PRO B 125 -16.66 -0.10 -10.54
CA PRO B 125 -16.05 -1.22 -9.83
CA PRO B 125 -15.84 -1.31 -10.38
C PRO B 125 -16.57 -2.43 -10.63
C PRO B 125 -16.56 -2.56 -10.93
N GLN B 126 -15.66 -3.33 -10.98
N GLN B 126 -15.79 -3.46 -11.53
CA GLN B 126 -16.05 -4.58 -11.60
CA GLN B 126 -16.26 -4.80 -11.83
C GLN B 126 -15.62 -5.61 -10.57
C GLN B 126 -15.80 -5.67 -10.66
N VAL B 127 -16.51 -6.51 -10.17
N VAL B 127 -16.62 -6.63 -10.21
CA VAL B 127 -16.21 -7.39 -9.03
CA VAL B 127 -16.24 -7.47 -9.05
C VAL B 127 -16.21 -8.85 -9.45
C VAL B 127 -16.21 -8.94 -9.42
N TYR B 128 -15.10 -9.54 -9.17
N TYR B 128 -15.08 -9.61 -9.20
CA TYR B 128 -14.95 -10.95 -9.52
CA TYR B 128 -14.90 -11.02 -9.58
C TYR B 128 -14.57 -11.75 -8.31
C TYR B 128 -14.37 -11.85 -8.43
N VAL B 129 -15.07 -12.98 -8.24
N VAL B 129 -15.07 -12.92 -8.04
CA VAL B 129 -14.66 -13.86 -7.17
CA VAL B 129 -14.53 -13.80 -7.01
C VAL B 129 -14.02 -15.12 -7.77
C VAL B 129 -13.84 -15.04 -7.62
N LEU B 130 -12.92 -15.57 -7.16
CA LEU B 130 -12.16 -16.71 -7.66
C LEU B 130 -11.98 -17.73 -6.56
N TYR B 130 -12.85 -15.56 -6.89
CA TYR B 130 -12.04 -16.69 -7.38
C TYR B 130 -12.00 -17.78 -6.34
N PRO B 131 -12.33 -18.98 -6.84
N PRO B 131 -12.31 -19.01 -6.74
CA PRO B 131 -12.19 -20.03 -5.84
CA PRO B 131 -12.16 -20.11 -5.79
C PRO B 131 -10.71 -20.38 -5.64
C PRO B 131 -10.70 -20.53 -5.66
N PRO B 132 -10.40 -21.12 -4.56
N PRO B 132 -10.39 -21.33 -4.63
CA PRO B 132 -9.00 -21.46 -4.38
CA PRO B 132 -9.02 -21.77 -4.37
C PRO B 132 -8.52 -22.38 -5.49
C PRO B 132 -8.32 -22.38 -5.59
N SER B 133 -7.28 -22.18 -5.90
N SER B 133 -7.01 -22.22 -5.60
CA SER B 133 -6.60 -23.04 -6.84
CA SER B 133 -6.14 -23.01 -6.47
C SER B 133 -6.57 -24.47 -6.29
C SER B 133 -6.33 -24.49 -6.16
N ARG B 134 -6.78 -25.44 -7.18
N ARG B 134 -6.11 -25.35 -7.15
CA ARG B 134 -6.72 -26.86 -6.84
CA ARG B 134 -6.07 -26.79 -6.91
C ARG B 134 -5.44 -27.19 -6.08
C ARG B 134 -5.00 -27.13 -5.86
N ASP B 135 -4.35 -26.52 -6.45
N ASP B 135 -3.83 -26.51 -6.02
CA ASP B 135 -3.10 -26.69 -5.72
CA ASP B 135 -2.71 -26.76 -5.13
C ASP B 135 -3.20 -26.41 -4.22
C ASP B 135 -3.05 -26.46 -3.67
N GLU B 136 -4.17 -25.59 -3.78
N GLU B 136 -3.83 -25.42 -3.44
CA GLU B 136 -4.18 -25.15 -2.37
CA GLU B 136 -4.14 -25.06 -2.08
C GLU B 136 -4.96 -26.08 -1.43
C GLU B 136 -5.12 -26.07 -1.49
N LEU B 137 -5.80 -26.93 -2.02
N LEU B 137 -5.87 -26.75 -2.35
CA LEU B 137 -6.75 -27.73 -1.24
CA LEU B 137 -6.92 -27.67 -1.89
C LEU B 137 -6.04 -28.74 -0.33
C LEU B 137 -6.32 -28.89 -1.19
N THR B 138 -4.73 -28.85 -0.48
N THR B 138 -5.00 -28.87 -1.00
CA THR B 138 -3.95 -29.81 0.30
CA THR B 138 -4.30 -29.88 -0.23
C THR B 138 -3.45 -29.15 1.57
C THR B 138 -3.97 -29.35 1.17
N LYS B 139 -4.09 -28.05 1.98
N LYS B 139 -4.00 -28.02 1.32
CA LYS B 139 -3.68 -27.26 3.15
CA LYS B 139 -3.68 -27.39 2.61
C LYS B 139 -4.78 -27.18 4.21
C LYS B 139 -4.90 -27.49 3.52
N ASN B 140 -4.46 -26.69 5.41
N ASN B 140 -4.73 -27.11 4.78
CA ASN B 140 -5.45 -26.63 6.49
CA ASN B 140 -5.82 -27.22 5.76
C ASN B 140 -6.44 -25.46 6.31
C ASN B 140 -6.77 -26.05 5.60
N GLN B 141 -5.99 -24.43 5.63
N GLN B 141 -6.32 -25.04 4.83
CA GLN B 141 -6.81 -23.25 5.36
CA GLN B 141 -7.08 -23.81 4.61
C GLN B 141 -6.71 -22.92 3.90
C GLN B 141 -7.00 -23.43 3.14
N VAL B 142 -7.74 -22.31 3.34
N VAL B 142 -8.03 -22.77 2.63
CA VAL B 142 -7.70 -21.97 1.92
CA VAL B 142 -7.99 -22.31 1.25
C VAL B 142 -8.03 -20.50 1.72
C VAL B 142 -8.25 -20.81 1.20
N SER B 143 -7.79 -20.02 0.51
N SER B 143 -7.82 -20.17 0.12
CA SER B 143 -7.98 -18.63 0.12
CA SER B 143 -7.82 -18.72 0.00
C SER B 143 -9.04 -18.50 -1.00
C SER B 143 -8.87 -18.27 -1.00
N LEU B 144 -10.03 -17.64 -0.78
N LEU B 144 -9.91 -17.64 -0.48
CA LEU B 144 -10.95 -17.25 -1.83
CA LEU B 144 -10.97 -17.11 -1.34
C LEU B 144 -10.62 -15.79 -2.13
C LEU B 144 -10.58 -15.70 -1.75
N LEU B 145 -10.54 -15.41 -3.39
CA LEU B 145 -10.18 -14.02 -3.71
C LEU B 145 -11.36 -13.22 -4.25
N THR B 145 -10.69 -15.41 -3.04
CA THR B 145 -10.15 -14.17 -3.62
C THR B 145 -11.26 -13.32 -4.29
N CYS B 146 -11.34 -11.93 -3.95
N CYS B 146 -11.30 -12.04 -3.93
CA CYS B 146 -12.32 -11.00 -4.51
CA CYS B 146 -12.25 -11.08 -4.50
C CYS B 146 -11.53 -9.93 -5.22
C CYS B 146 -11.42 -9.98 -5.15
N LEU B 147 -11.69 -9.87 -6.54
N LEU B 147 -11.51 -9.86 -6.46
CA LEU B 147 -10.99 -8.87 -7.35
CA LEU B 147 -10.81 -8.81 -7.22
C LEU B 147 -11.93 -7.74 -7.64
C LEU B 147 -11.82 -7.74 -7.55
N VAL B 148 -11.53 -6.53 -7.27
N VAL B 148 -11.47 -6.49 -7.29
CA VAL B 148 -12.32 -5.36 -7.58
CA VAL B 148 -12.37 -5.39 -7.62
C VAL B 148 -11.41 -4.44 -8.39
C VAL B 148 -11.61 -4.50 -8.57
N LYS B 149 -11.80 -4.17 -9.62
N LYS B 149 -12.10 -4.37 -9.80
CA LYS B 149 -10.95 -3.36 -10.47
CA LYS B 149 -11.32 -3.60 -10.79
C LYS B 149 -11.77 -2.29 -11.21
C LYS B 149 -12.09 -2.54 -11.57
N GLY B 150 -11.05 -1.45 -11.93
N GLY B 150 -11.35 -1.49 -11.91
CA GLY B 150 -11.62 -0.37 -12.72
CA GLY B 150 -11.86 -0.43 -12.77
C GLY B 150 -12.40 0.71 -11.96
C GLY B 150 -12.65 0.64 -12.05
N PHE B 151 -12.17 0.85 -10.66
N PHE B 151 -12.34 0.87 -10.76
CA PHE B 151 -12.90 1.88 -9.91
CA PHE B 151 -13.04 1.91 -9.98
C PHE B 151 -12.19 3.22 -9.74
C PHE B 151 -12.27 3.21 -9.80
N TYR B 152 -13.00 4.25 -9.53
N TYR B 152 -13.03 4.26 -9.51
CA TYR B 152 -12.49 5.60 -9.30
CA TYR B 152 -12.47 5.58 -9.27
C TYR B 152 -13.55 6.33 -8.54
C TYR B 152 -13.54 6.33 -8.51
N PRO B 153 -13.11 7.34 -7.80
N PRO B 153 -13.11 7.33 -7.73
CA PRO B 153 -12.00 7.33 -6.86
CA PRO B 153 -12.00 7.34 -6.78
C PRO B 153 -11.72 6.10 -6.00
C PRO B 153 -11.70 6.07 -6.00
N SER B 154 -10.64 6.14 -5.24
N SER B 154 -10.61 6.11 -5.24
CA SER B 154 -10.15 4.93 -4.59
CA SER B 154 -10.13 4.90 -4.59
C SER B 154 -10.93 4.60 -3.32
C SER B 154 -10.93 4.57 -3.34
N ASP B 155 -11.75 5.52 -2.86
N ASP B 155 -11.77 5.51 -2.90
CA ASP B 155 -12.55 5.29 -1.65
CA ASP B 155 -12.57 5.30 -1.69
C ASP B 155 -13.48 4.10 -1.87
C ASP B 155 -13.54 4.13 -1.86
N ILE B 156 -13.45 3.13 -0.97
N ILE B 156 -13.49 3.17 -0.96
CA ILE B 156 -14.18 1.89 -1.23
CA ILE B 156 -14.19 1.90 -1.20
C ILE B 156 -14.23 1.14 0.10
C ILE B 156 -14.21 1.10 0.10
N ALA B 157 -15.24 0.29 0.26
N ALA B 157 -15.22 0.25 0.27
CA ALA B 157 -15.32 -0.60 1.42
CA ALA B 157 -15.26 -0.66 1.43
C ALA B 157 -15.60 -2.01 0.90
C ALA B 157 -15.56 -2.07 0.91
N VAL B 158 -14.83 -2.99 1.36
N VAL B 158 -14.84 -3.08 1.43
CA VAL B 158 -15.01 -4.38 0.97
CA VAL B 158 -14.93 -4.45 0.94
C VAL B 158 -15.12 -5.22 2.24
C VAL B 158 -15.06 -5.40 2.14
N GLU B 159 -16.03 -6.19 2.20
N GLU B 159 -16.17 -6.14 2.18
CA GLU B 159 -16.36 -7.02 3.38
CA GLU B 159 -16.49 -6.97 3.36
C GLU B 159 -16.64 -8.43 2.90
C GLU B 159 -16.81 -8.37 2.89
N TRP B 160 -16.53 -9.42 3.80
N TRP B 160 -16.64 -9.35 3.77
CA TRP B 160 -16.99 -10.77 3.48
CA TRP B 160 -17.08 -10.71 3.43
C TRP B 160 -17.89 -11.28 4.59
C TRP B 160 -18.14 -11.20 4.43
N GLU B 161 -18.89 -12.08 4.20
N GLU B 161 -18.99 -12.11 3.97
CA GLU B 161 -19.79 -12.73 5.13
CA GLU B 161 -19.97 -12.74 4.86
C GLU B 161 -20.11 -14.13 4.63
C GLU B 161 -20.35 -14.13 4.39
N SER B 162 -20.74 -14.93 5.49
N SER B 162 -20.96 -14.89 5.30
CA SER B 162 -21.30 -16.21 5.09
CA SER B 162 -21.37 -16.25 4.99
C SER B 162 -22.33 -16.59 6.16
C SER B 162 -22.53 -16.58 5.94
N ASN B 163 -23.47 -17.12 5.72
N ASN B 163 -23.54 -17.28 5.42
CA ASN B 163 -24.47 -17.68 6.63
CA ASN B 163 -24.57 -17.81 6.32
C ASN B 163 -25.12 -16.62 7.50
C ASN B 163 -24.93 -16.79 7.40
N GLY B 164 -25.07 -15.38 7.01
N GLY B 164 -25.03 -15.54 6.98
CA GLY B 164 -25.62 -14.25 7.75
CA GLY B 164 -25.60 -14.49 7.84
C GLY B 164 -24.73 -13.70 8.84
C GLY B 164 -24.71 -13.69 8.77
N GLN B 165 -23.45 -14.08 8.84
N GLN B 165 -23.41 -13.94 8.78
CA GLN B 165 -22.50 -13.51 9.77
CA GLN B 165 -22.49 -13.21 9.65
C GLN B 165 -21.43 -12.89 8.89
C GLN B 165 -21.11 -12.97 9.03
N PRO B 166 -20.84 -11.78 9.32
N PRO B 166 -20.49 -11.84 9.39
CA PRO B 166 -19.63 -11.39 8.61
CA PRO B 166 -19.17 -11.43 8.95
C PRO B 166 -18.54 -12.42 8.86
C PRO B 166 -18.09 -12.49 9.21
N GLU B 167 -17.50 -12.44 8.00
N GLU B 167 -17.26 -12.74 8.19
CA GLU B 167 -16.27 -13.24 8.20
CA GLU B 167 -16.04 -13.54 8.37
C GLU B 167 -15.11 -12.51 8.90
C GLU B 167 -14.89 -12.81 9.09
N ASN B 168 -14.41 -13.22 9.78
N ASN B 168 -14.12 -13.50 9.91
CA ASN B 168 -13.33 -12.62 10.57
CA ASN B 168 -13.09 -12.74 10.60
C ASN B 168 -11.94 -12.74 9.95
C ASN B 168 -11.87 -12.50 9.73
N ASN B 169 -11.84 -13.53 8.90
N ASN B 169 -11.27 -13.62 9.32
CA ASN B 169 -10.52 -13.94 8.51
CA ASN B 169 -9.94 -13.65 8.79
C ASN B 169 -10.09 -13.47 7.14
C ASN B 169 -9.92 -13.29 7.33
N TYR B 170 -10.24 -12.19 6.88
N TYR B 170 -10.05 -12.01 7.03
CA TYR B 170 -9.77 -11.63 5.60
CA TYR B 170 -9.76 -11.54 5.66
C TYR B 170 -8.81 -10.48 5.73
C TYR B 170 -8.84 -10.35 5.65
N MET B 171 -8.13 -10.15 4.62
CA MET B 171 -7.24 -9.01 4.58
C MET B 171 -7.41 -8.44 3.19
N LYS B 171 -8.09 -10.19 4.55
CA LYS B 171 -7.14 -9.11 4.43
C LYS B 171 -7.35 -8.55 3.03
N THR B 172 -7.30 -7.13 3.09
N THR B 172 -7.13 -7.26 2.88
CA THR B 172 -7.57 -6.46 1.84
CA THR B 172 -7.37 -6.60 1.61
C THR B 172 -6.46 -5.49 1.57
C THR B 172 -6.19 -5.71 1.26
N TRP B 173 -5.80 -5.63 0.42
CA TRP B 173 -4.67 -4.78 0.07
C TRP B 173 -5.19 -3.42 -0.36
N THR B 173 -5.79 -5.71 0.00
CA THR B 173 -4.75 -4.77 -0.47
C THR B 173 -5.35 -3.35 -0.46
N PRO B 174 -4.33 -2.39 -0.25
N PRO B 174 -4.58 -2.35 -0.03
CA PRO B 174 -4.69 -1.04 -0.63
CA PRO B 174 -5.07 -1.03 -0.39
C PRO B 174 -5.08 -0.97 -2.12
C PRO B 174 -5.13 -0.93 -1.91
N PRO B 175 -5.86 0.06 -2.49
N PRO B 175 -6.03 -0.08 -2.43
CA PRO B 175 -6.15 0.16 -3.91
CA PRO B 175 -6.16 0.11 -3.86
C PRO B 175 -4.85 0.39 -4.67
C PRO B 175 -4.87 0.70 -4.43
N VAL B 176 -4.72 -0.25 -5.84
N VAL B 176 -4.60 0.38 -5.68
CA VAL B 176 -3.55 -0.06 -6.69
CA VAL B 176 -3.40 0.86 -6.38
C VAL B 176 -3.92 0.66 -7.98
C VAL B 176 -3.78 1.07 -7.84
N LEU B 177 -3.14 1.65 -8.36
N LEU B 177 -3.16 2.04 -8.51
CA LEU B 177 -3.43 2.38 -9.59
CA LEU B 177 -3.51 2.37 -9.90
C LEU B 177 -3.08 1.46 -10.72
C LEU B 177 -3.22 1.27 -10.94
N ASP B 178 -4.07 1.22 -11.58
N ASP B 178 -4.19 1.04 -11.81
CA ASP B 178 -3.90 0.38 -12.76
CA ASP B 178 -4.05 0.09 -12.92
C ASP B 178 -3.47 1.28 -13.92
C ASP B 178 -3.50 0.83 -14.13
N SER B 179 -2.98 0.66 -14.97
N SER B 179 -3.45 0.15 -15.28
CA SER B 179 -2.41 1.38 -16.12
CA SER B 179 -2.81 0.73 -16.45
C SER B 179 -3.36 2.39 -16.75
C SER B 179 -3.68 1.73 -17.22
N ASP B 180 -4.66 2.13 -16.63
N ASP B 180 -4.96 1.82 -16.84
CA ASP B 180 -5.68 2.90 -17.36
CA ASP B 180 -5.89 2.82 -17.42
C ASP B 180 -6.25 4.02 -16.49
C ASP B 180 -6.22 4.03 -16.51
N GLY B 181 -5.56 4.31 -15.41
N GLY B 181 -5.51 4.15 -15.39
CA GLY B 181 -5.89 5.41 -14.50
CA GLY B 181 -5.79 5.23 -14.43
C GLY B 181 -6.85 5.04 -13.37
C GLY B 181 -7.02 4.96 -13.56
N SER B 182 -7.52 3.91 -13.52
N SER B 182 -7.52 3.73 -13.61
CA SER B 182 -8.45 3.44 -12.49
CA SER B 182 -8.48 3.28 -12.59
C SER B 182 -7.69 2.72 -11.36
C SER B 182 -7.73 2.49 -11.51
N PHE B 183 -8.42 2.33 -10.34
N PHE B 183 -8.41 2.27 -10.39
CA PHE B 183 -7.86 1.49 -9.29
CA PHE B 183 -7.84 1.51 -9.27
C PHE B 183 -8.38 0.07 -9.38
C PHE B 183 -8.27 0.06 -9.27
N PHE B 184 -7.57 -0.87 -8.92
CA PHE B 184 -8.06 -2.19 -8.58
C PHE B 184 -7.59 -2.56 -7.18
N ALA B 184 -7.43 -0.77 -8.64
CA ALA B 184 -7.81 -2.13 -8.29
C ALA B 184 -7.35 -2.54 -6.91
N LEU B 185 -8.16 -3.62 -6.64
N LEU B 185 -8.06 -3.50 -6.32
CA LEU B 185 -7.66 -4.15 -5.38
CA LEU B 185 -7.54 -4.22 -5.16
C LEU B 185 -8.09 -5.58 -5.28
C LEU B 185 -7.91 -5.67 -5.22
N TYR B 186 -7.48 -6.31 -4.35
CA TYR B 186 -7.93 -7.67 -4.06
C TYR B 186 -8.22 -7.74 -2.56
N VAL B 186 -7.35 -6.39 -4.28
CA VAL B 186 -7.72 -7.77 -4.09
C VAL B 186 -7.92 -7.98 -2.60
N SER B 187 -9.10 -8.66 -2.18
N SER B 187 -9.02 -8.64 -2.25
CA SER B 187 -9.26 -9.06 -0.78
CA SER B 187 -9.28 -9.05 -0.87
C SER B 187 -9.16 -10.57 -0.75
C SER B 187 -9.21 -10.58 -0.81
N LYS B 188 -8.54 -11.10 0.31
N LYS B 188 -8.52 -11.08 0.22
CA LYS B 188 -8.35 -12.53 0.47
CA LYS B 188 -8.33 -12.51 0.43
C LYS B 188 -9.06 -13.02 1.74
C LYS B 188 -9.02 -12.94 1.74
N LEU B 189 -10.02 -13.91 1.56
N LEU B 189 -9.97 -13.86 1.63
CA LEU B 189 -10.72 -14.54 2.69
CA LEU B 189 -10.60 -14.42 2.82
C LEU B 189 -10.17 -15.95 2.88
C LEU B 189 -10.00 -15.81 3.07
N THR B 190 -9.63 -16.24 4.06
N THR B 190 -9.57 -16.02 4.31
CA THR B 190 -9.12 -17.58 4.35
CA THR B 190 -9.01 -17.31 4.74
C THR B 190 -10.19 -18.37 5.06
C THR B 190 -10.07 -18.05 5.54
N VAL B 191 -10.43 -19.58 4.57
N VAL B 191 -10.38 -19.27 5.11
CA VAL B 191 -11.39 -20.48 5.21
CA VAL B 191 -11.30 -20.12 5.86
C VAL B 191 -10.85 -21.91 5.33
C VAL B 191 -10.67 -21.51 6.03
N ASP B 192 -11.13 -22.54 6.47
N ASP B 192 -11.10 -22.25 7.04
CA ASP B 192 -10.77 -23.95 6.65
CA ASP B 192 -10.65 -23.64 7.17
C ASP B 192 -11.32 -24.75 5.47
C ASP B 192 -11.10 -24.42 5.93
N LYS B 193 -10.49 -25.63 4.93
N LYS B 193 -10.23 -25.31 5.42
CA LYS B 193 -10.92 -26.41 3.77
CA LYS B 193 -10.58 -26.10 4.24
C LYS B 193 -12.24 -27.14 4.05
C LYS B 193 -11.90 -26.84 4.45
N SER B 194 -12.45 -27.59 5.29
N SER B 194 -12.18 -27.24 5.69
CA SER B 194 -13.66 -28.33 5.58
CA SER B 194 -13.35 -28.06 5.95
C SER B 194 -14.87 -27.48 5.23
C SER B 194 -14.61 -27.28 5.64
N ARG B 195 -14.89 -26.22 5.67
N ARG B 195 -14.63 -25.98 5.97
CA ARG B 195 -16.01 -25.34 5.39
CA ARG B 195 -15.81 -25.17 5.66
C ARG B 195 -16.19 -25.21 3.87
C ARG B 195 -16.04 -24.97 4.17
N TRP B 196 -15.08 -25.00 3.18
N TRP B 196 -14.97 -24.92 3.37
CA TRP B 196 -15.16 -24.92 1.76
CA TRP B 196 -15.10 -24.85 1.91
C TRP B 196 -15.67 -26.21 1.19
C TRP B 196 -15.66 -26.14 1.31
N GLN B 197 -15.12 -27.32 1.65
N GLN B 197 -15.08 -27.29 1.66
CA GLN B 197 -15.53 -28.59 1.08
CA GLN B 197 -15.57 -28.51 1.03
C GLN B 197 -16.95 -29.01 1.49
C GLN B 197 -16.91 -28.94 1.69
N GLN B 198 -17.41 -28.46 2.61
N GLN B 198 -17.24 -28.41 2.86
CA GLN B 198 -18.78 -28.64 3.09
CA GLN B 198 -18.61 -28.58 3.41
C GLN B 198 -19.85 -27.89 2.28
C GLN B 198 -19.71 -27.78 2.67
N GLY B 199 -19.44 -27.05 1.34
N GLY B 199 -19.31 -26.96 1.72
CA GLY B 199 -20.39 -26.45 0.41
CA GLY B 199 -20.29 -26.31 0.84
C GLY B 199 -20.93 -25.11 0.81
C GLY B 199 -20.79 -24.95 1.29
N ASN B 200 -20.31 -24.59 1.82
N ASN B 200 -20.15 -24.35 2.28
CA ASN B 200 -20.66 -23.29 2.42
CA ASN B 200 -20.59 -23.01 2.70
C ASN B 200 -20.42 -22.15 1.41
C ASN B 200 -20.35 -22.00 1.58
N VAL B 201 -21.28 -21.14 1.45
N VAL B 201 -21.28 -21.06 1.42
CA VAL B 201 -21.24 -20.05 0.48
CA VAL B 201 -21.21 -20.06 0.37
C VAL B 201 -20.55 -18.88 1.14
C VAL B 201 -20.67 -18.81 1.04
N PHE B 202 -19.69 -18.23 0.35
N PHE B 202 -19.61 -18.25 0.46
CA PHE B 202 -18.92 -17.11 0.83
CA PHE B 202 -18.96 -17.06 1.03
C PHE B 202 -19.19 -15.94 -0.09
C PHE B 202 -19.19 -15.92 0.05
N SER B 203 -19.32 -14.74 0.47
N SER B 203 -19.39 -14.71 0.58
CA SER B 203 -19.77 -13.58 -0.32
CA SER B 203 -19.80 -13.57 -0.25
C SER B 203 -18.86 -12.40 -0.06
C SER B 203 -18.89 -12.39 -0.01
N CYS B 204 -18.48 -11.75 -1.14
N CYS B 204 -18.50 -11.75 -1.11
CA CYS B 204 -17.69 -10.53 -1.10
CA CYS B 204 -17.72 -10.51 -1.07
C CYS B 204 -18.65 -9.38 -1.41
C CYS B 204 -18.67 -9.38 -1.43
N SER B 205 -18.73 -8.42 -0.50
N SER B 205 -18.85 -8.44 -0.51
CA SER B 205 -19.62 -7.26 -0.64
CA SER B 205 -19.71 -7.26 -0.70
C SER B 205 -18.74 -6.02 -0.82
C SER B 205 -18.77 -6.08 -0.99
N VAL B 206 -18.99 -5.28 -1.89
N VAL B 206 -19.19 -5.21 -1.88
CA VAL B 206 -18.19 -4.11 -2.24
CA VAL B 206 -18.36 -4.10 -2.33
C VAL B 206 -19.11 -2.89 -2.25
C VAL B 206 -19.22 -2.85 -2.29
N MET B 207 -18.67 -1.82 -1.58
N MET B 207 -18.74 -1.81 -1.60
CA MET B 207 -19.44 -0.59 -1.53
CA MET B 207 -19.47 -0.54 -1.51
C MET B 207 -18.60 0.52 -2.13
C MET B 207 -18.64 0.54 -2.14
N HIS B 208 -19.19 1.24 -3.09
N HIS B 208 -19.22 1.25 -3.11
CA HIS B 208 -18.48 2.27 -3.84
CA HIS B 208 -18.52 2.28 -3.87
C HIS B 208 -19.53 3.17 -4.47
C HIS B 208 -19.55 3.25 -4.45
N GLU B 209 -19.21 4.46 -4.60
N GLU B 209 -19.18 4.51 -4.60
CA GLU B 209 -20.20 5.44 -5.02
CA GLU B 209 -20.11 5.53 -5.06
C GLU B 209 -20.67 5.22 -6.45
C GLU B 209 -20.64 5.22 -6.45
N ALA B 210 -19.87 4.54 -7.27
N ALA B 210 -19.84 4.54 -7.27
CA ALA B 210 -20.24 4.36 -8.66
CA ALA B 210 -20.23 4.35 -8.66
C ALA B 210 -21.01 3.08 -8.96
C ALA B 210 -21.02 3.09 -8.95
N LEU B 211 -21.27 2.28 -7.94
N LEU B 211 -21.30 2.31 -7.92
CA LEU B 211 -22.19 1.16 -8.09
CA LEU B 211 -22.17 1.15 -8.06
C LEU B 211 -23.62 1.64 -7.86
C LEU B 211 -23.64 1.52 -7.91
N HIS B 212 -24.54 1.09 -8.65
N HIS B 212 -24.50 0.75 -8.57
CA HIS B 212 -25.98 1.28 -8.39
CA HIS B 212 -25.92 0.86 -8.29
C HIS B 212 -26.26 0.79 -6.98
C HIS B 212 -26.16 0.60 -6.82
N ASN B 213 -27.00 1.59 -6.20
N ASN B 213 -26.97 1.45 -6.17
CA ASN B 213 -27.29 1.30 -4.81
CA ASN B 213 -27.24 1.40 -4.73
C ASN B 213 -26.04 1.41 -3.89
C ASN B 213 -25.98 1.45 -3.87
N HIS B 214 -24.91 1.86 -4.46
N HIS B 214 -24.85 1.83 -4.48
CA HIS B 214 -23.60 1.90 -3.78
CA HIS B 214 -23.54 1.89 -3.82
C HIS B 214 -23.10 0.54 -3.31
C HIS B 214 -23.07 0.54 -3.29
N TYR B 215 -23.61 -0.52 -3.93
N TYR B 215 -23.59 -0.52 -3.90
CA TYR B 215 -23.39 -1.86 -3.37
CA TYR B 215 -23.38 -1.87 -3.34
C TYR B 215 -23.52 -2.97 -4.40
C TYR B 215 -23.51 -2.96 -4.38
N THR B 216 -22.57 -3.90 -4.38
N THR B 216 -22.58 -3.91 -4.38
CA THR B 216 -22.75 -5.16 -5.11
CA THR B 216 -22.78 -5.14 -5.14
C THR B 216 -22.15 -6.30 -4.29
C THR B 216 -22.13 -6.30 -4.37
N GLN B 217 -22.59 -7.52 -4.58
N GLN B 217 -22.57 -7.52 -4.65
CA GLN B 217 -22.09 -8.67 -3.88
CA GLN B 217 -22.12 -8.68 -3.90
C GLN B 217 -21.91 -9.77 -4.89
C GLN B 217 -21.94 -9.83 -4.88
N LYS B 218 -20.84 -10.55 -4.73
N LYS B 218 -20.85 -10.56 -4.73
CA LYS B 218 -20.63 -11.73 -5.56
CA LYS B 218 -20.66 -11.79 -5.52
C LYS B 218 -20.38 -12.90 -4.63
C LYS B 218 -20.33 -12.91 -4.54
N SER B 219 -20.91 -14.07 -4.97
N SER B 219 -20.78 -14.13 -4.82
CA SER B 219 -20.83 -15.23 -4.10
CA SER B 219 -20.59 -15.22 -3.86
C SER B 219 -20.18 -16.39 -4.83
C SER B 219 -19.94 -16.44 -4.50
N LEU B 220 -19.53 -17.26 -4.08
N LEU B 220 -19.35 -17.29 -3.66
CA LEU B 220 -19.04 -18.51 -4.64
CA LEU B 220 -18.78 -18.53 -4.19
C LEU B 220 -19.14 -19.66 -3.61
C LEU B 220 -18.73 -19.71 -3.24
N SER B 221 -19.11 -20.87 -4.13
N SER B 221 -18.77 -20.89 -3.84
CA SER B 221 -19.08 -22.06 -3.27
CA SER B 221 -18.77 -22.11 -3.06
C SER B 221 -18.34 -23.17 -3.98
C SER B 221 -18.37 -23.24 -4.01
N LEU B 222 -17.93 -24.19 -3.22
N LEU B 222 -18.13 -24.40 -3.41
CA LEU B 222 -17.27 -25.35 -3.80
CA LEU B 222 -17.67 -25.57 -4.15
C LEU B 222 -18.18 -26.01 -4.84
C LEU B 222 -18.52 -25.83 -5.39
N SER B 223 -17.64 -26.21 -6.03
N SER B 223 -17.84 -26.11 -6.50
CA SER B 223 -18.31 -27.01 -7.07
CA SER B 223 -18.49 -26.62 -7.69
C SER B 223 -17.70 -28.42 -7.10
C SER B 223 -17.86 -27.94 -8.12
N PRO B 224 -18.49 -29.45 -6.79
N PRO B 224 -18.56 -29.07 -7.89
CA PRO B 224 -18.01 -30.83 -6.65
CA PRO B 224 -18.02 -30.34 -8.34
C PRO B 224 -17.39 -31.37 -7.93
C PRO B 224 -17.99 -30.39 -9.86
C1 NAG C . 17.66 19.81 -3.45
C1 NAG C . 17.65 19.92 -3.47
C2 NAG C . 16.99 19.52 -2.13
C2 NAG C . 16.99 19.60 -2.15
C3 NAG C . 17.25 18.09 -1.69
C3 NAG C . 17.31 18.17 -1.73
C4 NAG C . 16.82 17.12 -2.78
C4 NAG C . 16.97 17.20 -2.85
C5 NAG C . 17.59 17.49 -4.03
C5 NAG C . 17.63 17.65 -4.13
C6 NAG C . 17.20 16.61 -5.19
C6 NAG C . 17.23 16.71 -5.26
C7 NAG C . 16.77 21.44 -0.65
C7 NAG C . 16.77 21.46 -0.65
C8 NAG C . 17.43 22.25 0.42
C8 NAG C . 17.41 22.26 0.44
N2 NAG C . 17.49 20.44 -1.14
N2 NAG C . 17.49 20.49 -1.14
O3 NAG C . 16.52 17.82 -0.53
O3 NAG C . 16.54 17.83 -0.60
O4 NAG C . 16.95 15.75 -2.37
O4 NAG C . 17.56 15.97 -2.56
O5 NAG C . 17.28 18.83 -4.40
O5 NAG C . 17.24 18.97 -4.44
O6 NAG C . 15.79 16.55 -5.21
O6 NAG C . 15.83 16.55 -5.19
O7 NAG C . 15.66 21.68 -1.04
O7 NAG C . 15.64 21.69 -1.03
C1 FUC C . 15.35 16.20 -6.51
C1 FUC C . 15.35 16.20 -6.48
C2 FUC C . 13.87 15.86 -6.41
C2 FUC C . 13.88 15.85 -6.36
C3 FUC C . 13.01 17.10 -6.20
C3 FUC C . 13.01 17.10 -6.18
C4 FUC C . 13.59 18.40 -6.73
C4 FUC C . 13.59 18.40 -6.71
C5 FUC C . 15.11 18.46 -6.69
C5 FUC C . 15.10 18.44 -6.68
C6 FUC C . 15.66 19.74 -7.31
C6 FUC C . 15.67 19.71 -7.31
O2 FUC C . 13.68 14.96 -5.30
O2 FUC C . 13.68 14.96 -5.25
O3 FUC C . 11.79 16.91 -6.90
O3 FUC C . 11.81 16.90 -6.90
O4 FUC C . 13.21 18.54 -8.08
O4 FUC C . 13.20 18.53 -8.06
O5 FUC C . 15.53 17.29 -7.38
O5 FUC C . 15.52 17.27 -7.37
C1 NAG D . 16.50 14.99 -1.98
C1 NAG D . 15.79 14.80 -1.74
C2 NAG D . 16.60 13.49 -2.28
C2 NAG D . 16.20 13.41 -2.12
C3 NAG D . 15.54 12.73 -1.51
C3 NAG D . 15.22 12.54 -1.36
C4 NAG D . 15.56 13.13 -0.02
C4 NAG D . 15.22 12.88 0.15
C5 NAG D . 15.63 14.65 0.14
C5 NAG D . 15.14 14.39 0.35
C6 NAG D . 15.87 15.03 1.61
C6 NAG D . 15.24 14.79 1.82
C7 NAG D . 17.40 12.87 -4.55
C7 NAG D . 17.09 12.87 -4.41
C8 NAG D . 18.70 12.46 -3.93
C8 NAG D . 18.39 12.46 -3.82
N2 NAG D . 16.45 13.33 -3.73
N2 NAG D . 16.13 13.26 -3.57
O3 NAG D . 15.80 11.35 -1.66
O3 NAG D . 15.54 11.18 -1.60
O4 NAG D . 14.42 12.67 0.67
O4 NAG D . 14.14 12.33 0.89
O5 NAG D . 16.70 15.17 -0.59
O5 NAG D . 16.15 15.03 -0.40
O6 NAG D . 15.82 16.44 1.70
O6 NAG D . 15.24 16.22 1.90
O7 NAG D . 17.25 12.75 -5.78
O7 NAG D . 16.97 12.83 -5.63
C1 BMA D . 14.50 11.19 1.15
C1 BMA D . 14.36 11.00 1.24
C2 BMA D . 13.64 11.09 2.39
C2 BMA D . 13.48 10.85 2.45
C3 BMA D . 13.43 9.64 2.82
C3 BMA D . 13.37 9.41 2.87
C4 BMA D . 13.01 8.78 1.63
C4 BMA D . 13.06 8.54 1.66
C5 BMA D . 13.95 9.04 0.47
C5 BMA D . 13.96 8.85 0.49
C6 BMA D . 13.64 8.20 -0.78
C6 BMA D . 13.59 8.05 -0.74
O2 BMA D . 12.35 11.61 2.12
O2 BMA D . 12.19 11.33 2.14
O3 BMA D . 12.38 9.63 3.77
O3 BMA D . 12.29 9.34 3.77
O4 BMA D . 13.17 7.42 2.02
O4 BMA D . 13.27 7.21 2.07
O5 BMA D . 13.89 10.41 0.12
O5 BMA D . 13.87 10.21 0.18
O6 BMA D . 14.61 8.58 -1.77
O6 BMA D . 14.43 8.48 -1.78
C1 MAN D . 14.19 7.68 -2.90
C1 MAN D . 14.24 7.62 -2.90
C2 MAN D . 15.33 7.93 -3.88
C2 MAN D . 15.32 7.86 -3.95
C3 MAN D . 15.24 9.33 -4.44
C3 MAN D . 15.19 9.26 -4.47
C4 MAN D . 13.88 9.46 -5.09
C4 MAN D . 13.81 9.41 -5.06
C5 MAN D . 12.74 9.15 -4.12
C5 MAN D . 12.74 9.04 -4.05
C6 MAN D . 11.44 9.14 -4.90
C6 MAN D . 11.38 9.05 -4.74
O2 MAN D . 15.23 7.05 -4.98
O2 MAN D . 15.15 6.98 -5.05
O3 MAN D . 16.24 9.48 -5.43
O3 MAN D . 16.16 9.47 -5.49
O4 MAN D . 13.77 10.80 -5.52
O4 MAN D . 13.61 10.74 -5.48
O5 MAN D . 12.92 7.89 -3.49
O5 MAN D . 12.96 7.78 -3.47
O6 MAN D . 10.38 8.82 -4.02
O6 MAN D . 10.40 8.64 -3.81
C1 NAG D . 15.73 5.71 -4.77
C1 NAG D . 15.83 5.76 -4.84
C2 NAG D . 15.06 4.62 -5.58
C2 NAG D . 15.14 4.64 -5.61
C3 NAG D . 15.82 3.30 -5.49
C3 NAG D . 15.92 3.32 -5.55
C4 NAG D . 17.32 3.52 -5.69
C4 NAG D . 17.42 3.53 -5.74
C5 NAG D . 17.81 4.68 -4.82
C5 NAG D . 17.93 4.71 -4.95
C6 NAG D . 19.32 4.95 -5.00
C6 NAG D . 19.41 5.00 -5.20
C7 NAG D . 12.65 5.02 -5.69
C7 NAG D . 12.74 4.99 -5.65
C8 NAG D . 11.29 4.73 -5.09
C8 NAG D . 11.44 4.73 -4.94
N2 NAG D . 13.70 4.43 -5.12
N2 NAG D . 13.82 4.43 -5.11
O3 NAG D . 15.30 2.42 -6.48
O3 NAG D . 15.44 2.43 -6.55
O4 NAG D . 17.99 2.34 -5.30
O4 NAG D . 18.06 2.36 -5.24
O5 NAG D . 17.07 5.83 -5.15
O5 NAG D . 17.17 5.87 -5.25
O6 NAG D . 19.66 5.09 -6.36
O6 NAG D . 19.67 5.25 -6.57
O7 NAG D . 12.71 5.77 -6.66
O7 NAG D . 12.76 5.69 -6.63
C1 GAL D . 19.12 1.63 -5.91
C1 GAL D . 19.07 1.90 -6.13
C2 GAL D . 19.80 0.28 -5.72
C2 GAL D . 19.62 0.54 -5.68
C3 GAL D . 20.62 -0.09 -6.95
C3 GAL D . 20.38 -0.18 -6.79
C4 GAL D . 19.80 0.09 -8.22
C4 GAL D . 19.55 -0.19 -8.07
C5 GAL D . 19.15 1.47 -8.25
C5 GAL D . 19.42 1.28 -8.38
C6 GAL D . 18.30 1.67 -9.49
C6 GAL D . 18.92 1.59 -9.78
O2 GAL D . 20.65 0.33 -4.59
O2 GAL D . 20.52 0.65 -4.58
O3 GAL D . 21.06 -1.42 -6.85
O3 GAL D . 20.72 -1.48 -6.39
O4 GAL D . 18.80 -0.90 -8.28
O4 GAL D . 18.26 -0.72 -7.83
O5 GAL D . 18.36 1.63 -7.10
O5 GAL D . 18.52 1.81 -7.44
O6 GAL D . 17.29 2.62 -9.22
O6 GAL D . 18.55 2.97 -9.81
C1 MAN E . 13.45 8.92 5.12
C1 MAN E . 13.69 8.66 5.46
C2 MAN E . 12.42 8.37 6.10
C2 MAN E . 12.50 8.19 6.24
C3 MAN E . 11.45 9.47 6.49
C3 MAN E . 11.51 9.30 6.42
C4 MAN E . 12.24 10.63 7.05
C4 MAN E . 12.21 10.48 7.04
C5 MAN E . 13.26 11.10 6.02
C5 MAN E . 13.21 11.00 6.02
C6 MAN E . 14.10 12.26 6.53
C6 MAN E . 13.96 12.20 6.55
O2 MAN E . 13.08 7.95 7.27
O2 MAN E . 12.91 7.84 7.55
O3 MAN E . 10.59 8.99 7.46
O3 MAN E . 10.50 8.91 7.34
O4 MAN E . 11.34 11.67 7.40
O4 MAN E . 11.26 11.49 7.36
O5 MAN E . 14.12 10.02 5.69
O5 MAN E . 14.16 9.98 5.75
O6 MAN E . 14.34 13.18 5.48
O6 MAN E . 14.07 13.22 5.55
C1 NAG E . 13.36 6.98 7.74
C1 NAG E . 13.50 6.54 7.74
C2 NAG E . 12.82 5.79 6.97
C2 NAG E . 13.02 5.32 6.97
C3 NAG E . 13.26 4.51 7.66
C3 NAG E . 13.56 4.06 7.64
C4 NAG E . 14.78 4.51 7.81
C4 NAG E . 15.08 4.16 7.75
C5 NAG E . 15.33 5.83 8.36
C5 NAG E . 15.54 5.51 8.32
C6 NAG E . 16.84 5.89 8.21
C6 NAG E . 17.05 5.67 8.17
C7 NAG E . 10.71 4.96 6.12
C7 NAG E . 10.95 4.33 6.21
C8 NAG E . 11.52 3.91 5.44
C8 NAG E . 11.83 3.33 5.50
N2 NAG E . 11.38 5.85 6.86
N2 NAG E . 11.57 5.27 6.91
O3 NAG E . 12.85 3.39 6.90
O3 NAG E . 13.20 2.93 6.89
O4 NAG E . 15.15 3.45 8.66
O4 NAG E . 15.56 3.12 8.57
O5 NAG E . 14.77 6.94 7.68
O5 NAG E . 14.92 6.58 7.66
O6 NAG E . 17.47 5.48 9.41
O6 NAG E . 17.71 5.17 9.32
O7 NAG E . 9.48 4.98 6.01
O7 NAG E . 9.73 4.25 6.12
C1 NAG F . -0.54 16.47 24.24
C1 NAG F . -0.79 16.52 24.26
C2 NAG F . 0.29 16.76 23.01
C2 NAG F . 0.13 16.74 23.07
C3 NAG F . -0.53 16.69 21.72
C3 NAG F . -0.67 16.64 21.76
C4 NAG F . -1.34 15.43 21.66
C4 NAG F . -1.55 15.40 21.71
C5 NAG F . -2.19 15.39 22.91
C5 NAG F . -2.39 15.37 22.99
C6 NAG F . -3.12 14.19 22.95
C6 NAG F . -3.37 14.18 23.03
C7 NAG F . 2.16 18.19 23.39
C7 NAG F . 2.05 18.22 23.32
C8 NAG F . 2.70 19.58 23.30
C8 NAG F . 2.57 19.62 23.26
N2 NAG F . 0.88 18.06 23.10
N2 NAG F . 0.75 18.05 23.06
O3 NAG F . 0.31 16.80 20.58
O3 NAG F . 0.23 16.68 20.68
O4 NAG F . -2.11 15.46 20.46
O4 NAG F . -2.39 15.49 20.57
O5 NAG F . -1.36 15.33 24.06
O5 NAG F . -1.53 15.32 24.12
O6 NAG F . -2.33 13.02 22.84
O6 NAG F . -2.69 12.95 23.06
O7 NAG F . 2.86 17.26 23.71
O7 NAG F . 2.81 17.27 23.59
C1 NAG F . -1.75 15.05 19.37
C1 NAG F . -1.90 14.81 19.44
C2 NAG F . -2.84 14.39 18.55
C2 NAG F . -3.08 14.25 18.66
C3 NAG F . -2.34 13.86 17.23
C3 NAG F . -2.56 13.55 17.43
C4 NAG F . -1.56 14.91 16.46
C4 NAG F . -1.71 14.52 16.61
C5 NAG F . -0.53 15.53 17.39
C5 NAG F . -0.66 15.21 17.48
C6 NAG F . 0.17 16.65 16.65
C6 NAG F . 0.04 16.30 16.69
C7 NAG F . -4.74 13.29 19.61
C7 NAG F . -5.10 13.33 19.74
C8 NAG F . -5.58 14.44 19.17
C8 NAG F . -5.89 14.49 19.23
N2 NAG F . -3.45 13.35 19.32
N2 NAG F . -3.80 13.28 19.45
O3 NAG F . -3.47 13.45 16.47
O3 NAG F . -3.67 13.08 16.68
O4 NAG F . -0.83 14.35 15.39
O4 NAG F . -1.03 13.78 15.60
O5 NAG F . -1.12 16.03 18.57
O5 NAG F . -1.24 15.78 18.64
O6 NAG F . 1.11 17.26 17.51
O6 NAG F . 1.05 16.88 17.49
O7 NAG F . -5.23 12.37 20.22
O7 NAG F . -5.65 12.46 20.42
C1 BMA F . -1.56 14.35 14.15
C1 BMA F . -1.70 14.27 14.13
C2 BMA F . -0.55 14.44 13.01
C2 BMA F . -0.64 14.29 13.04
C3 BMA F . -1.27 14.34 11.67
C3 BMA F . -1.28 14.09 11.66
C4 BMA F . -1.97 13.02 11.63
C4 BMA F . -2.10 12.81 11.67
C5 BMA F . -2.91 12.93 12.83
C5 BMA F . -3.04 12.80 12.87
C6 BMA F . -3.62 11.58 12.87
C6 BMA F . -3.80 11.49 12.89
O2 BMA F . 0.33 13.34 13.20
O2 BMA F . 0.30 13.25 13.34
O3 BMA F . -0.40 14.53 10.56
O3 BMA F . -0.30 14.01 10.62
O4 BMA F . -2.76 12.90 10.46
O4 BMA F . -2.86 12.75 10.46
O5 BMA F . -2.19 13.11 14.04
O5 BMA F . -2.30 12.98 14.09
O6 BMA F . -4.32 11.49 14.10
O6 BMA F . -4.54 11.37 14.12
C1 MAN F . -5.27 10.45 14.06
C1 MAN F . -5.42 10.30 14.24
C2 MAN F . -6.32 10.60 15.13
C2 MAN F . -6.52 10.47 15.27
C3 MAN F . -5.71 10.48 16.50
C3 MAN F . -5.90 10.37 16.65
C4 MAN F . -4.98 9.16 16.60
C4 MAN F . -5.24 9.00 16.77
C5 MAN F . -4.02 8.99 15.44
C5 MAN F . -4.32 8.70 15.58
C6 MAN F . -3.41 7.60 15.42
C6 MAN F . -3.89 7.24 15.57
O2 MAN F . -7.21 9.51 15.03
O2 MAN F . -7.36 9.36 15.18
O3 MAN F . -6.76 10.47 17.47
O3 MAN F . -6.92 10.47 17.61
O4 MAN F . -4.27 9.12 17.83
O4 MAN F . -4.52 8.92 17.97
O5 MAN F . -4.69 9.17 14.19
O5 MAN F . -4.96 8.97 14.34
O6 MAN F . -2.46 7.57 14.37
O6 MAN F . -2.80 7.11 14.70
C1 NAG F . -8.27 9.83 14.11
C1 NAG F . -8.44 9.76 14.14
C2 NAG F . -8.82 8.49 13.64
C2 NAG F . -8.96 8.39 13.69
C3 NAG F . -10.07 8.69 12.77
C3 NAG F . -10.19 8.59 12.81
C4 NAG F . -11.11 9.56 13.44
C4 NAG F . -11.21 9.51 13.49
C5 NAG F . -10.42 10.80 13.96
C5 NAG F . -10.53 10.78 13.95
C6 NAG F . -11.40 11.72 14.68
C6 NAG F . -11.51 11.76 14.62
C7 NAG F . -7.20 6.71 13.46
C7 NAG F . -7.32 6.62 13.40
C8 NAG F . -6.11 6.11 12.62
C8 NAG F . -6.24 6.00 12.56
N2 NAG F . -7.82 7.76 12.92
N2 NAG F . -7.91 7.73 12.94
O3 NAG F . -10.68 7.44 12.41
O3 NAG F . -10.77 7.35 12.44
O4 NAG F . -11.97 9.98 12.43
O4 NAG F . -12.20 9.85 12.53
O5 NAG F . -9.34 10.46 14.80
O5 NAG F . -9.49 10.41 14.82
O6 NAG F . -11.90 11.10 15.85
O6 NAG F . -12.00 11.18 15.81
O7 NAG F . -7.50 6.26 14.55
O7 NAG F . -7.62 6.12 14.48
C1 GAL F . -13.34 9.85 12.76
C1 GAL F . -13.42 9.98 12.71
C2 GAL F . -14.25 10.24 11.56
C2 GAL F . -14.31 10.35 11.51
C3 GAL F . -15.70 9.97 11.88
C3 GAL F . -15.76 10.05 11.83
C4 GAL F . -15.89 8.55 12.36
C4 GAL F . -15.93 8.63 12.34
C5 GAL F . -15.03 8.40 13.60
C5 GAL F . -15.07 8.48 13.59
C6 GAL F . -15.28 7.05 14.25
C6 GAL F . -15.33 7.11 14.21
O2 GAL F . -14.19 11.63 11.21
O2 GAL F . -14.27 11.73 11.16
O3 GAL F . -16.49 10.21 10.73
O3 GAL F . -16.51 10.23 10.67
O4 GAL F . -15.39 7.65 11.38
O4 GAL F . -15.48 7.73 11.35
O5 GAL F . -13.66 8.55 13.23
O5 GAL F . -13.70 8.67 13.24
O6 GAL F . -14.36 6.89 15.32
O6 GAL F . -14.37 6.83 15.20
C1 MAN F . -0.54 15.31 9.81
C1 MAN F . -0.65 15.15 9.83
C2 MAN F . 0.01 14.88 8.46
C2 MAN F . -0.01 14.73 8.51
C3 MAN F . 1.53 14.85 8.48
C3 MAN F . 1.50 14.66 8.63
C4 MAN F . 2.08 16.15 9.05
C4 MAN F . 2.02 15.97 9.20
C5 MAN F . 1.37 16.53 10.35
C5 MAN F . 1.26 16.35 10.48
C6 MAN F . 1.85 17.89 10.86
C6 MAN F . 1.70 17.71 11.01
O2 MAN F . -0.42 15.79 7.46
O2 MAN F . -0.31 15.70 7.54
O3 MAN F . 2.01 14.68 7.16
O3 MAN F . 2.03 14.43 7.35
O4 MAN F . 3.46 16.01 9.30
O4 MAN F . 3.39 15.84 9.48
O5 MAN F . -0.01 16.59 10.13
O5 MAN F . -0.13 16.40 10.22
O6 MAN F . 1.87 17.88 12.27
O6 MAN F . 1.51 17.72 12.41
C1 NAG F . -0.38 16.43 6.15
C1 NAG F . -0.71 16.16 6.41
C2 NAG F . -1.00 15.11 5.72
C2 NAG F . -1.33 14.83 5.98
C3 NAG F . -2.08 15.33 4.67
C3 NAG F . -2.29 15.05 4.82
C4 NAG F . -3.06 16.40 5.16
C4 NAG F . -3.28 16.15 5.17
C5 NAG F . -2.30 17.64 5.61
C5 NAG F . -2.56 17.39 5.68
C6 NAG F . -3.27 18.69 6.15
C6 NAG F . -3.55 18.46 6.11
C7 NAG F . -0.23 12.92 5.00
C7 NAG F . -0.58 12.61 5.37
C8 NAG F . -1.62 12.43 5.29
C8 NAG F . -2.02 12.21 5.47
N2 NAG F . 0.03 14.21 5.21
N2 NAG F . -0.30 13.88 5.61
O3 NAG F . -2.78 14.13 4.43
O3 NAG F . -2.98 13.85 4.54
O4 NAG F . -3.94 16.73 4.11
O4 NAG F . -4.04 16.48 4.03
O5 NAG F . -1.39 17.29 6.63
O5 NAG F . -1.73 17.05 6.78
O6 NAG F . -2.97 19.95 5.58
O6 NAG F . -3.17 19.70 5.55
O7 NAG F . 0.63 12.14 4.58
O7 NAG F . 0.27 11.78 5.06
C1 FUC F . -2.76 12.06 23.80
C1 FUC F . -2.77 12.13 23.77
C2 FUC F . -2.18 10.71 23.43
C2 FUC F . -2.28 10.72 23.50
C3 FUC F . -0.69 10.64 23.66
C3 FUC F . -0.78 10.60 23.73
C4 FUC F . -0.31 11.16 25.03
C4 FUC F . -0.38 11.14 25.09
C5 FUC F . -0.95 12.53 25.24
C5 FUC F . -0.98 12.54 25.30
C6 FUC F . -0.60 13.07 26.62
C6 FUC F . -0.72 13.05 26.73
O2 FUC F . -2.41 10.46 22.05
O2 FUC F . -2.56 10.38 22.15
O3 FUC F . -0.29 9.28 23.56
O3 FUC F . -0.39 9.24 23.66
O4 FUC F . -0.77 10.24 26.02
O4 FUC F . -0.78 10.23 26.10
O5 FUC F . -2.35 12.41 25.12
O5 FUC F . -2.37 12.54 25.07
C1 EDO G . 7.27 -7.37 -7.31
O1 EDO G . 8.32 -7.90 -8.12
C2 EDO G . 7.70 -7.19 -5.86
O2 EDO G . 6.51 -7.21 -5.05
C1 EDO H . 14.73 2.79 -1.53
C1 EDO H . 14.28 1.22 -2.41
O1 EDO H . 15.06 1.60 -2.26
O1 EDO H . 15.70 1.20 -2.62
C2 EDO H . 13.40 3.35 -2.00
C2 EDO H . 13.70 2.53 -2.91
O2 EDO H . 12.84 4.17 -0.95
O2 EDO H . 13.33 3.34 -1.78
C1 EDO I . -6.74 -1.74 -16.58
O1 EDO I . -7.03 -3.13 -16.33
C2 EDO I . -6.26 -1.54 -18.02
O2 EDO I . -6.32 -2.77 -18.75
C1 EDO J . 36.42 16.18 2.80
O1 EDO J . 37.46 15.30 2.32
C2 EDO J . 35.97 15.73 4.17
O2 EDO J . 35.88 16.84 5.06
C1 EDO K . -25.76 -1.21 8.31
O1 EDO K . -25.10 -2.39 8.79
C2 EDO K . -24.74 -0.14 7.99
O2 EDO K . -23.52 -0.42 8.70
C1 EDO L . -9.97 -1.76 2.93
C1 EDO L . -11.13 -1.43 1.58
O1 EDO L . -10.06 -0.39 3.33
O1 EDO L . -10.94 -0.38 2.53
C2 EDO L . -11.22 -2.08 2.12
C2 EDO L . -12.41 -2.18 1.93
O2 EDO L . -12.34 -2.03 3.01
O2 EDO L . -12.76 -2.05 3.32
C1 EDO M . -26.22 -12.35 13.99
O1 EDO M . -26.14 -11.40 12.91
C2 EDO M . -27.03 -13.58 13.54
O2 EDO M . -27.49 -14.27 14.70
C1 EDO N . -11.16 3.88 1.07
C1 EDO N . -9.60 4.03 0.61
O1 EDO N . -10.57 2.99 0.10
O1 EDO N . -9.58 2.88 -0.24
C2 EDO N . -11.69 3.09 2.27
C2 EDO N . -10.96 4.13 1.31
O2 EDO N . -11.04 3.50 3.50
O2 EDO N . -10.78 4.84 2.57
C1 EDO O . -6.28 -2.98 -17.03
O1 EDO O . -5.55 -3.96 -16.29
C2 EDO O . -7.78 -3.17 -16.85
O2 EDO O . -8.41 -3.13 -18.13
I IOD P . -28.11 0.80 3.71
I IOD Q . -28.11 0.82 3.72
I IOD R . -25.64 -11.12 5.44
I IOD R . -25.71 -11.11 5.32
#